data_3RDH
#
_entry.id   3RDH
#
_cell.length_a   94.745
_cell.length_b   94.745
_cell.length_c   237.862
_cell.angle_alpha   90.00
_cell.angle_beta   90.00
_cell.angle_gamma   120.00
#
_symmetry.space_group_name_H-M   'P 65'
#
loop_
_entity.id
_entity.type
_entity.pdbx_description
1 polymer '14-3-3 protein zeta/delta'
2 non-polymer '4-[(E)-{4-formyl-5-hydroxy-6-methyl-3-[(phosphonooxy)methyl]pyridin-2-yl}diazenyl]benzoic acid'
3 non-polymer 'NICKEL (II) ION'
4 water water
#
_entity_poly.entity_id   1
_entity_poly.type   'polypeptide(L)'
_entity_poly.pdbx_seq_one_letter_code
;GSHMDKNELVQKAKLAEQAERYDDMAACMKSVTEQGAELSNEERNLLSVAYKNVVGARRSSWRVVSSIEQKTEGAEKKQQ
MAREYREKIETELRDICNDVLSLLEKFLIPNASQAESKVFYLKMKGDYYRYLAEVAAGDDKKGIVDQSQQAYQEAFEISK
KEMQPTHPIRLGLALNFSVFYYEILNSPEKACSLAKTAFDEAIAELDTLSEESYKDSTLIMQLLRDNLTLWTSDTQGDEA
EAGEGGEN
;
_entity_poly.pdbx_strand_id   A,B,C,D
#
# COMPACT_ATOMS: atom_id res chain seq x y z
N GLY A 1 9.12 7.47 23.95
CA GLY A 1 9.77 8.14 25.09
C GLY A 1 9.36 9.60 25.13
N SER A 2 9.00 10.10 23.96
CA SER A 2 8.54 11.46 23.76
C SER A 2 8.11 11.55 22.31
N HIS A 3 8.30 10.44 21.59
CA HIS A 3 7.95 10.41 20.18
C HIS A 3 6.51 9.97 19.96
N MET A 4 5.94 9.29 20.95
CA MET A 4 4.56 8.81 20.83
C MET A 4 3.63 9.50 21.81
N ASP A 5 2.47 9.93 21.33
CA ASP A 5 1.46 10.57 22.17
C ASP A 5 0.31 9.57 22.25
N LYS A 6 0.44 8.63 23.18
CA LYS A 6 -0.56 7.58 23.32
C LYS A 6 -2.00 8.09 23.42
N ASN A 7 -2.19 9.35 23.81
CA ASN A 7 -3.54 9.87 23.93
C ASN A 7 -4.13 10.34 22.62
N GLU A 8 -3.29 10.88 21.75
CA GLU A 8 -3.75 11.37 20.44
C GLU A 8 -4.13 10.16 19.57
N LEU A 9 -3.39 9.07 19.74
CA LEU A 9 -3.62 7.83 18.99
C LEU A 9 -5.05 7.32 19.24
N VAL A 10 -5.48 7.40 20.48
CA VAL A 10 -6.81 6.97 20.88
C VAL A 10 -7.89 7.88 20.26
N GLN A 11 -7.63 9.18 20.23
N GLN A 11 -7.66 9.18 20.24
CA GLN A 11 -8.57 10.13 19.65
CA GLN A 11 -8.63 10.08 19.63
C GLN A 11 -8.68 9.81 18.16
C GLN A 11 -8.69 9.79 18.14
N LYS A 12 -7.52 9.66 17.52
CA LYS A 12 -7.44 9.34 16.10
C LYS A 12 -8.09 7.95 15.87
N ALA A 13 -7.86 7.01 16.78
CA ALA A 13 -8.50 5.71 16.62
C ALA A 13 -10.01 5.92 16.66
N LYS A 14 -10.46 6.77 17.59
CA LYS A 14 -11.89 7.10 17.75
C LYS A 14 -12.41 7.85 16.53
N LEU A 15 -11.56 8.65 15.91
CA LEU A 15 -11.91 9.41 14.72
C LEU A 15 -12.05 8.44 13.52
N ALA A 16 -11.09 7.53 13.38
CA ALA A 16 -11.16 6.56 12.29
C ALA A 16 -12.46 5.76 12.40
N GLU A 17 -12.87 5.44 13.63
CA GLU A 17 -14.11 4.67 13.79
C GLU A 17 -15.33 5.42 13.27
N GLN A 18 -15.50 6.67 13.68
CA GLN A 18 -16.63 7.48 13.22
C GLN A 18 -16.64 7.47 11.70
N ALA A 19 -15.47 7.64 11.11
CA ALA A 19 -15.33 7.68 9.66
C ALA A 19 -15.43 6.30 8.99
N GLU A 20 -15.73 5.28 9.77
CA GLU A 20 -15.83 3.92 9.25
C GLU A 20 -14.60 3.46 8.46
N ARG A 21 -13.43 3.81 8.98
CA ARG A 21 -12.14 3.43 8.37
C ARG A 21 -11.41 2.58 9.41
N TYR A 22 -11.80 1.32 9.47
CA TYR A 22 -11.27 0.41 10.47
C TYR A 22 -9.83 0.01 10.33
N ASP A 23 -9.31 -0.05 9.11
CA ASP A 23 -7.89 -0.40 8.95
C ASP A 23 -7.10 0.65 9.70
N ASP A 24 -7.48 1.92 9.51
CA ASP A 24 -6.84 3.03 10.20
C ASP A 24 -7.08 2.88 11.69
N MET A 25 -8.31 2.56 12.06
CA MET A 25 -8.63 2.39 13.46
C MET A 25 -7.78 1.31 14.09
N ALA A 26 -7.62 0.17 13.39
CA ALA A 26 -6.81 -0.92 13.95
C ALA A 26 -5.35 -0.50 14.05
N ALA A 27 -4.87 0.20 13.03
CA ALA A 27 -3.49 0.68 13.03
C ALA A 27 -3.22 1.58 14.26
N CYS A 28 -4.19 2.39 14.68
CA CYS A 28 -4.00 3.26 15.86
C CYS A 28 -3.96 2.50 17.17
N MET A 29 -4.85 1.52 17.33
CA MET A 29 -4.89 0.76 18.58
C MET A 29 -3.69 -0.17 18.73
N LYS A 30 -3.23 -0.76 17.63
CA LYS A 30 -2.06 -1.62 17.66
C LYS A 30 -0.92 -0.77 18.23
N SER A 31 -0.79 0.42 17.69
CA SER A 31 0.22 1.37 18.13
C SER A 31 -0.02 1.81 19.59
N VAL A 32 -1.28 1.96 20.01
CA VAL A 32 -1.53 2.33 21.41
C VAL A 32 -1.09 1.20 22.33
N THR A 33 -1.42 -0.01 21.91
CA THR A 33 -1.08 -1.21 22.67
C THR A 33 0.45 -1.39 22.80
N GLU A 34 1.18 -1.19 21.72
CA GLU A 34 2.61 -1.37 21.81
C GLU A 34 3.34 -0.38 22.74
N GLN A 35 2.60 0.59 23.28
CA GLN A 35 3.22 1.54 24.21
C GLN A 35 3.40 0.84 25.57
N GLY A 36 2.95 -0.40 25.64
CA GLY A 36 3.10 -1.19 26.85
C GLY A 36 2.12 -0.94 27.98
N ALA A 37 1.36 0.14 27.89
CA ALA A 37 0.41 0.46 28.95
C ALA A 37 -0.82 -0.43 28.89
N GLU A 38 -1.18 -0.98 30.05
CA GLU A 38 -2.35 -1.82 30.14
C GLU A 38 -3.52 -0.97 29.62
N LEU A 39 -4.34 -1.56 28.77
CA LEU A 39 -5.44 -0.84 28.17
C LEU A 39 -6.60 -0.62 29.10
N SER A 40 -7.32 0.47 28.86
CA SER A 40 -8.51 0.82 29.65
C SER A 40 -9.64 0.09 28.93
N ASN A 41 -10.79 -0.01 29.58
CA ASN A 41 -11.90 -0.69 28.96
C ASN A 41 -12.29 -0.05 27.62
N GLU A 42 -12.20 1.27 27.51
CA GLU A 42 -12.57 1.91 26.25
C GLU A 42 -11.58 1.53 25.15
N GLU A 43 -10.30 1.54 25.49
CA GLU A 43 -9.25 1.22 24.54
C GLU A 43 -9.34 -0.24 24.12
N ARG A 44 -9.67 -1.10 25.06
CA ARG A 44 -9.81 -2.53 24.77
C ARG A 44 -10.95 -2.69 23.77
N ASN A 45 -12.01 -1.92 23.99
CA ASN A 45 -13.17 -1.96 23.12
C ASN A 45 -12.83 -1.44 21.74
N LEU A 46 -12.01 -0.39 21.69
CA LEU A 46 -11.60 0.17 20.42
C LEU A 46 -10.72 -0.81 19.63
N LEU A 47 -9.85 -1.54 20.35
CA LEU A 47 -8.97 -2.53 19.74
C LEU A 47 -9.80 -3.67 19.19
N SER A 48 -10.63 -4.26 20.05
CA SER A 48 -11.50 -5.37 19.67
C SER A 48 -12.37 -5.06 18.45
N VAL A 49 -13.05 -3.92 18.48
CA VAL A 49 -13.91 -3.54 17.39
C VAL A 49 -13.16 -3.34 16.08
N ALA A 50 -12.07 -2.57 16.14
CA ALA A 50 -11.31 -2.31 14.93
C ALA A 50 -10.95 -3.64 14.24
N TYR A 51 -10.21 -4.47 14.94
CA TYR A 51 -9.78 -5.74 14.39
C TYR A 51 -10.94 -6.68 14.06
N LYS A 52 -12.04 -6.60 14.80
CA LYS A 52 -13.22 -7.42 14.53
C LYS A 52 -13.70 -7.07 13.12
N ASN A 53 -13.71 -5.78 12.82
CA ASN A 53 -14.13 -5.28 11.51
C ASN A 53 -13.16 -5.65 10.43
N VAL A 54 -11.89 -5.37 10.69
CA VAL A 54 -10.85 -5.63 9.72
C VAL A 54 -10.74 -7.12 9.34
N VAL A 55 -10.72 -8.00 10.33
CA VAL A 55 -10.62 -9.43 10.09
C VAL A 55 -11.94 -9.98 9.57
N GLY A 56 -13.03 -9.46 10.13
CA GLY A 56 -14.36 -9.89 9.76
C GLY A 56 -14.70 -9.69 8.29
N ALA A 57 -14.30 -8.56 7.71
CA ALA A 57 -14.59 -8.31 6.32
C ALA A 57 -13.94 -9.37 5.43
N ARG A 58 -12.71 -9.76 5.77
CA ARG A 58 -11.99 -10.78 5.00
C ARG A 58 -12.61 -12.15 5.15
N ARG A 59 -12.92 -12.54 6.39
CA ARG A 59 -13.53 -13.82 6.64
C ARG A 59 -14.80 -13.95 5.82
N SER A 60 -15.51 -12.85 5.65
CA SER A 60 -16.75 -12.86 4.89
C SER A 60 -16.51 -12.91 3.40
N SER A 61 -15.41 -12.31 2.95
CA SER A 61 -15.07 -12.30 1.54
C SER A 61 -14.58 -13.69 1.15
N TRP A 62 -13.82 -14.27 2.06
CA TRP A 62 -13.26 -15.60 1.87
C TRP A 62 -14.38 -16.61 1.62
N ARG A 63 -15.38 -16.59 2.49
CA ARG A 63 -16.52 -17.48 2.38
C ARG A 63 -17.22 -17.35 1.04
N VAL A 64 -17.53 -16.12 0.65
CA VAL A 64 -18.19 -15.86 -0.62
C VAL A 64 -17.37 -16.44 -1.77
N VAL A 65 -16.06 -16.19 -1.76
CA VAL A 65 -15.19 -16.69 -2.81
C VAL A 65 -14.96 -18.21 -2.70
N SER A 66 -14.89 -18.70 -1.45
CA SER A 66 -14.71 -20.12 -1.21
C SER A 66 -15.88 -20.90 -1.78
N SER A 67 -17.05 -20.26 -1.84
CA SER A 67 -18.24 -20.89 -2.39
C SER A 67 -18.17 -20.84 -3.90
N ILE A 68 -18.19 -19.64 -4.46
CA ILE A 68 -18.11 -19.47 -5.90
C ILE A 68 -17.07 -20.39 -6.51
N GLU A 69 -16.01 -20.67 -5.76
CA GLU A 69 -14.96 -21.54 -6.26
C GLU A 69 -15.51 -22.96 -6.50
N GLN A 70 -16.22 -23.48 -5.52
CA GLN A 70 -16.79 -24.82 -5.61
C GLN A 70 -17.88 -24.89 -6.68
N LYS A 71 -18.97 -24.16 -6.42
CA LYS A 71 -20.11 -24.10 -7.31
C LYS A 71 -19.75 -23.74 -8.75
N THR A 72 -18.45 -23.56 -9.00
CA THR A 72 -17.95 -23.24 -10.32
C THR A 72 -16.73 -24.14 -10.53
N GLU A 73 -16.88 -25.40 -10.12
CA GLU A 73 -15.81 -26.39 -10.25
C GLU A 73 -15.67 -26.91 -11.68
N GLY A 74 -16.80 -27.25 -12.30
CA GLY A 74 -16.79 -27.76 -13.66
C GLY A 74 -15.74 -27.10 -14.54
N ALA A 75 -15.79 -25.77 -14.64
CA ALA A 75 -14.82 -25.03 -15.44
C ALA A 75 -13.47 -24.98 -14.72
N GLU A 76 -12.40 -24.79 -15.49
CA GLU A 76 -11.06 -24.72 -14.93
C GLU A 76 -10.64 -23.27 -14.69
N LYS A 77 -10.38 -22.54 -15.77
CA LYS A 77 -9.96 -21.15 -15.68
C LYS A 77 -10.78 -20.38 -14.65
N LYS A 78 -12.11 -20.44 -14.78
CA LYS A 78 -12.98 -19.74 -13.84
C LYS A 78 -12.66 -20.16 -12.41
N GLN A 79 -12.99 -21.40 -12.05
CA GLN A 79 -12.71 -21.89 -10.71
C GLN A 79 -11.28 -21.52 -10.32
N GLN A 80 -10.35 -21.79 -11.22
CA GLN A 80 -8.94 -21.51 -10.99
C GLN A 80 -8.70 -20.04 -10.67
N MET A 81 -9.52 -19.17 -11.27
CA MET A 81 -9.43 -17.74 -11.05
C MET A 81 -9.88 -17.42 -9.63
N ALA A 82 -11.03 -17.96 -9.24
CA ALA A 82 -11.57 -17.74 -7.90
C ALA A 82 -10.63 -18.26 -6.82
N ARG A 83 -9.87 -19.31 -7.13
CA ARG A 83 -8.93 -19.90 -6.18
C ARG A 83 -7.78 -18.96 -5.84
N GLU A 84 -7.31 -18.22 -6.84
CA GLU A 84 -6.21 -17.30 -6.60
C GLU A 84 -6.73 -16.12 -5.80
N TYR A 85 -7.92 -15.63 -6.15
CA TYR A 85 -8.51 -14.52 -5.44
C TYR A 85 -8.64 -14.90 -3.97
N ARG A 86 -9.07 -16.13 -3.69
CA ARG A 86 -9.20 -16.60 -2.32
C ARG A 86 -7.86 -16.62 -1.59
N GLU A 87 -6.81 -17.03 -2.28
CA GLU A 87 -5.49 -17.10 -1.67
C GLU A 87 -4.99 -15.69 -1.41
N LYS A 88 -5.34 -14.77 -2.28
CA LYS A 88 -4.94 -13.38 -2.09
C LYS A 88 -5.55 -12.92 -0.76
N ILE A 89 -6.84 -13.23 -0.56
CA ILE A 89 -7.55 -12.88 0.67
C ILE A 89 -7.00 -13.59 1.91
N GLU A 90 -6.58 -14.84 1.79
CA GLU A 90 -6.05 -15.54 2.94
C GLU A 90 -4.74 -14.94 3.41
N THR A 91 -3.98 -14.35 2.49
CA THR A 91 -2.72 -13.74 2.87
C THR A 91 -3.05 -12.52 3.73
N GLU A 92 -4.08 -11.77 3.33
CA GLU A 92 -4.54 -10.60 4.09
C GLU A 92 -5.00 -11.07 5.48
N LEU A 93 -5.85 -12.09 5.49
CA LEU A 93 -6.35 -12.64 6.75
C LEU A 93 -5.21 -12.99 7.69
N ARG A 94 -4.18 -13.67 7.18
CA ARG A 94 -3.05 -14.07 8.01
C ARG A 94 -2.26 -12.90 8.58
N ASP A 95 -1.96 -11.91 7.76
CA ASP A 95 -1.21 -10.75 8.25
C ASP A 95 -1.99 -10.15 9.42
N ILE A 96 -3.30 -10.01 9.25
CA ILE A 96 -4.11 -9.45 10.33
C ILE A 96 -4.08 -10.32 11.57
N CYS A 97 -4.28 -11.62 11.42
CA CYS A 97 -4.26 -12.51 12.59
C CYS A 97 -2.91 -12.60 13.29
N ASN A 98 -1.81 -12.58 12.54
CA ASN A 98 -0.50 -12.66 13.19
C ASN A 98 -0.24 -11.41 14.02
N ASP A 99 -0.70 -10.26 13.54
CA ASP A 99 -0.51 -9.03 14.27
C ASP A 99 -1.33 -8.97 15.55
N VAL A 100 -2.61 -9.32 15.48
CA VAL A 100 -3.44 -9.29 16.68
C VAL A 100 -2.90 -10.32 17.67
N LEU A 101 -2.51 -11.49 17.17
CA LEU A 101 -1.98 -12.53 18.04
C LEU A 101 -0.69 -12.09 18.72
N SER A 102 0.14 -11.36 17.99
CA SER A 102 1.40 -10.87 18.53
C SER A 102 1.18 -9.85 19.65
N LEU A 103 0.25 -8.93 19.45
CA LEU A 103 -0.06 -7.90 20.46
C LEU A 103 -0.65 -8.60 21.65
N LEU A 104 -1.48 -9.60 21.34
CA LEU A 104 -2.16 -10.38 22.36
C LEU A 104 -1.19 -11.14 23.26
N GLU A 105 -0.21 -11.80 22.68
CA GLU A 105 0.76 -12.58 23.45
C GLU A 105 1.95 -11.81 24.03
N LYS A 106 2.28 -10.66 23.46
CA LYS A 106 3.41 -9.92 23.98
C LYS A 106 3.04 -8.69 24.80
N PHE A 107 1.87 -8.12 24.57
CA PHE A 107 1.52 -6.93 25.34
C PHE A 107 0.30 -7.07 26.24
N LEU A 108 -0.85 -7.38 25.65
CA LEU A 108 -2.09 -7.49 26.40
C LEU A 108 -2.14 -8.56 27.49
N ILE A 109 -2.26 -9.82 27.10
CA ILE A 109 -2.33 -10.94 28.04
C ILE A 109 -1.36 -10.88 29.22
N PRO A 110 -0.06 -10.69 28.97
CA PRO A 110 0.89 -10.63 30.08
C PRO A 110 0.64 -9.50 31.09
N ASN A 111 0.06 -8.39 30.64
CA ASN A 111 -0.18 -7.28 31.55
C ASN A 111 -1.62 -7.15 32.00
N ALA A 112 -2.44 -8.17 31.75
CA ALA A 112 -3.83 -8.12 32.17
C ALA A 112 -3.80 -8.12 33.71
N SER A 113 -4.27 -7.02 34.29
CA SER A 113 -4.30 -6.87 35.74
C SER A 113 -5.49 -7.61 36.35
N GLN A 114 -6.66 -7.41 35.77
CA GLN A 114 -7.91 -8.03 36.22
C GLN A 114 -8.16 -9.37 35.52
N ALA A 115 -9.04 -10.19 36.09
CA ALA A 115 -9.37 -11.48 35.50
C ALA A 115 -10.35 -11.28 34.34
N GLU A 116 -11.19 -10.26 34.46
CA GLU A 116 -12.16 -9.96 33.41
C GLU A 116 -11.51 -9.64 32.07
N SER A 117 -10.42 -8.88 32.08
CA SER A 117 -9.78 -8.54 30.82
C SER A 117 -8.83 -9.66 30.38
N LYS A 118 -8.32 -10.44 31.33
CA LYS A 118 -7.45 -11.54 30.95
C LYS A 118 -8.27 -12.56 30.16
N VAL A 119 -9.45 -12.93 30.66
CA VAL A 119 -10.30 -13.88 29.95
C VAL A 119 -10.61 -13.32 28.56
N PHE A 120 -10.88 -12.03 28.51
CA PHE A 120 -11.21 -11.38 27.25
C PHE A 120 -10.12 -11.46 26.16
N TYR A 121 -8.86 -11.35 26.56
CA TYR A 121 -7.76 -11.43 25.62
C TYR A 121 -7.55 -12.89 25.25
N LEU A 122 -7.61 -13.75 26.26
CA LEU A 122 -7.45 -15.18 26.02
C LEU A 122 -8.50 -15.63 25.02
N LYS A 123 -9.68 -15.02 25.09
CA LYS A 123 -10.74 -15.39 24.17
C LYS A 123 -10.38 -14.92 22.76
N MET A 124 -9.85 -13.71 22.67
CA MET A 124 -9.44 -13.13 21.39
C MET A 124 -8.40 -14.05 20.77
N LYS A 125 -7.49 -14.53 21.62
CA LYS A 125 -6.44 -15.39 21.16
C LYS A 125 -7.08 -16.61 20.56
N GLY A 126 -8.11 -17.12 21.24
CA GLY A 126 -8.80 -18.29 20.73
C GLY A 126 -9.44 -17.96 19.39
N ASP A 127 -10.15 -16.84 19.31
CA ASP A 127 -10.79 -16.45 18.04
C ASP A 127 -9.82 -16.27 16.86
N TYR A 128 -8.69 -15.60 17.08
CA TYR A 128 -7.76 -15.37 15.97
C TYR A 128 -6.99 -16.60 15.49
N TYR A 129 -6.70 -17.53 16.38
CA TYR A 129 -6.05 -18.77 15.94
C TYR A 129 -7.10 -19.53 15.14
N ARG A 130 -8.36 -19.40 15.55
CA ARG A 130 -9.46 -20.08 14.87
C ARG A 130 -9.56 -19.58 13.46
N TYR A 131 -9.32 -18.27 13.27
CA TYR A 131 -9.39 -17.68 11.94
C TYR A 131 -8.27 -18.22 11.09
N LEU A 132 -7.10 -18.40 11.70
CA LEU A 132 -5.96 -18.95 10.97
C LEU A 132 -6.32 -20.42 10.65
N ALA A 133 -6.92 -21.10 11.62
CA ALA A 133 -7.32 -22.49 11.46
C ALA A 133 -8.22 -22.71 10.25
N GLU A 134 -9.25 -21.87 10.10
CA GLU A 134 -10.19 -22.01 8.99
C GLU A 134 -9.54 -21.96 7.61
N VAL A 135 -8.33 -21.40 7.53
CA VAL A 135 -7.64 -21.25 6.25
C VAL A 135 -6.22 -21.83 6.26
N ALA A 136 -5.92 -22.70 7.21
CA ALA A 136 -4.57 -23.28 7.28
C ALA A 136 -4.42 -24.50 6.39
N ALA A 137 -3.22 -24.70 5.85
CA ALA A 137 -2.93 -25.86 5.01
C ALA A 137 -2.85 -27.04 5.96
N GLY A 138 -3.55 -28.12 5.61
CA GLY A 138 -3.57 -29.33 6.42
C GLY A 138 -2.36 -29.64 7.29
N ASP A 139 -1.18 -29.34 6.76
CA ASP A 139 0.08 -29.59 7.47
C ASP A 139 0.22 -28.80 8.77
N ASP A 140 -0.15 -27.52 8.74
CA ASP A 140 -0.04 -26.67 9.92
C ASP A 140 -1.35 -26.57 10.69
N LYS A 141 -2.44 -27.03 10.07
CA LYS A 141 -3.75 -26.97 10.70
C LYS A 141 -3.84 -27.58 12.10
N LYS A 142 -3.24 -28.75 12.29
CA LYS A 142 -3.27 -29.39 13.60
C LYS A 142 -2.74 -28.47 14.72
N GLY A 143 -1.48 -28.04 14.60
CA GLY A 143 -0.88 -27.18 15.62
C GLY A 143 -1.66 -25.91 15.92
N ILE A 144 -2.17 -25.27 14.87
CA ILE A 144 -2.95 -24.06 14.98
C ILE A 144 -4.25 -24.31 15.77
N VAL A 145 -5.03 -25.30 15.33
CA VAL A 145 -6.29 -25.65 15.98
C VAL A 145 -6.04 -25.85 17.44
N ASP A 146 -4.86 -26.39 17.75
CA ASP A 146 -4.54 -26.64 19.15
C ASP A 146 -4.31 -25.34 19.90
N GLN A 147 -3.67 -24.38 19.25
CA GLN A 147 -3.42 -23.07 19.87
C GLN A 147 -4.76 -22.45 20.27
N SER A 148 -5.73 -22.57 19.37
CA SER A 148 -7.05 -22.02 19.61
C SER A 148 -7.66 -22.67 20.84
N GLN A 149 -7.82 -24.00 20.79
CA GLN A 149 -8.41 -24.73 21.89
C GLN A 149 -7.82 -24.36 23.24
N GLN A 150 -6.50 -24.50 23.38
N GLN A 150 -6.50 -24.52 23.39
CA GLN A 150 -5.85 -24.20 24.65
CA GLN A 150 -5.85 -24.19 24.65
C GLN A 150 -6.01 -22.75 25.09
C GLN A 150 -6.11 -22.77 25.10
N ALA A 151 -6.19 -21.84 24.14
CA ALA A 151 -6.40 -20.44 24.48
C ALA A 151 -7.83 -20.28 25.05
N TYR A 152 -8.82 -20.84 24.35
CA TYR A 152 -10.21 -20.77 24.82
C TYR A 152 -10.30 -21.43 26.19
N GLN A 153 -9.77 -22.66 26.26
CA GLN A 153 -9.74 -23.47 27.49
C GLN A 153 -9.22 -22.70 28.69
N GLU A 154 -8.06 -22.07 28.53
CA GLU A 154 -7.43 -21.29 29.59
C GLU A 154 -8.32 -20.12 30.01
N ALA A 155 -9.06 -19.58 29.05
CA ALA A 155 -9.96 -18.48 29.33
C ALA A 155 -11.20 -19.03 30.01
N PHE A 156 -11.57 -20.25 29.64
CA PHE A 156 -12.74 -20.91 30.22
C PHE A 156 -12.53 -21.22 31.70
N GLU A 157 -11.31 -21.59 32.08
CA GLU A 157 -11.03 -21.92 33.48
C GLU A 157 -11.10 -20.63 34.27
N ILE A 158 -10.33 -19.64 33.87
CA ILE A 158 -10.32 -18.37 34.58
C ILE A 158 -11.72 -17.84 34.80
N SER A 159 -12.55 -17.93 33.77
CA SER A 159 -13.90 -17.42 33.88
C SER A 159 -14.77 -18.26 34.80
N LYS A 160 -14.61 -19.58 34.72
CA LYS A 160 -15.37 -20.52 35.52
C LYS A 160 -15.03 -20.43 37.00
N LYS A 161 -14.25 -19.42 37.38
CA LYS A 161 -13.82 -19.25 38.76
C LYS A 161 -13.82 -17.82 39.27
N GLU A 162 -13.66 -16.85 38.36
CA GLU A 162 -13.60 -15.45 38.76
C GLU A 162 -14.77 -14.64 38.20
N MET A 163 -15.57 -15.24 37.33
CA MET A 163 -16.69 -14.52 36.73
C MET A 163 -18.03 -15.22 36.88
N GLN A 164 -19.06 -14.43 37.17
CA GLN A 164 -20.40 -14.96 37.32
C GLN A 164 -20.98 -15.43 35.99
N PRO A 165 -21.72 -16.53 36.00
CA PRO A 165 -22.36 -17.15 34.82
C PRO A 165 -23.08 -16.18 33.88
N THR A 166 -23.47 -15.02 34.40
CA THR A 166 -24.21 -14.05 33.58
C THR A 166 -23.36 -12.94 33.01
N HIS A 167 -22.12 -12.83 33.46
CA HIS A 167 -21.24 -11.79 32.94
C HIS A 167 -21.08 -11.96 31.43
N PRO A 168 -21.36 -10.90 30.67
CA PRO A 168 -21.27 -10.88 29.22
C PRO A 168 -20.04 -11.58 28.60
N ILE A 169 -18.86 -11.29 29.12
CA ILE A 169 -17.67 -11.89 28.55
C ILE A 169 -17.60 -13.39 28.74
N ARG A 170 -17.94 -13.86 29.95
CA ARG A 170 -17.92 -15.30 30.19
C ARG A 170 -18.89 -15.97 29.25
N LEU A 171 -20.08 -15.39 29.13
CA LEU A 171 -21.08 -15.93 28.23
C LEU A 171 -20.57 -15.87 26.81
N GLY A 172 -19.87 -14.79 26.49
CA GLY A 172 -19.31 -14.61 25.16
C GLY A 172 -18.23 -15.63 24.88
N LEU A 173 -17.49 -15.98 25.93
CA LEU A 173 -16.43 -16.97 25.81
C LEU A 173 -17.10 -18.29 25.45
N ALA A 174 -18.14 -18.66 26.20
CA ALA A 174 -18.85 -19.91 25.92
C ALA A 174 -19.43 -19.90 24.53
N LEU A 175 -19.94 -18.76 24.08
CA LEU A 175 -20.51 -18.67 22.75
C LEU A 175 -19.51 -19.05 21.66
N ASN A 176 -18.32 -18.47 21.71
CA ASN A 176 -17.32 -18.75 20.69
C ASN A 176 -16.55 -20.05 20.91
N PHE A 177 -16.43 -20.49 22.17
CA PHE A 177 -15.73 -21.73 22.46
C PHE A 177 -16.59 -22.85 21.88
N SER A 178 -17.91 -22.70 22.03
CA SER A 178 -18.84 -23.70 21.53
C SER A 178 -18.83 -23.69 20.00
N VAL A 179 -18.70 -22.51 19.39
CA VAL A 179 -18.65 -22.42 17.93
C VAL A 179 -17.38 -23.08 17.40
N PHE A 180 -16.28 -22.87 18.12
CA PHE A 180 -14.98 -23.45 17.76
C PHE A 180 -15.18 -24.96 17.64
N TYR A 181 -15.93 -25.52 18.59
CA TYR A 181 -16.19 -26.95 18.62
C TYR A 181 -17.06 -27.45 17.48
N TYR A 182 -18.04 -26.65 17.07
CA TYR A 182 -18.92 -27.07 15.99
C TYR A 182 -18.33 -26.84 14.60
N GLU A 183 -17.72 -25.67 14.40
CA GLU A 183 -17.13 -25.33 13.12
C GLU A 183 -15.70 -25.86 12.92
N ILE A 184 -14.92 -25.89 13.98
CA ILE A 184 -13.54 -26.35 13.82
C ILE A 184 -13.39 -27.85 14.06
N LEU A 185 -13.41 -28.26 15.33
CA LEU A 185 -13.28 -29.67 15.67
C LEU A 185 -14.48 -30.50 15.20
N ASN A 186 -15.28 -29.92 14.31
N ASN A 186 -15.29 -29.92 14.32
CA ASN A 186 -16.47 -30.57 13.79
CA ASN A 186 -16.47 -30.60 13.78
C ASN A 186 -17.05 -31.59 14.78
C ASN A 186 -17.05 -31.60 14.78
N SER A 187 -17.47 -31.09 15.94
CA SER A 187 -18.04 -31.92 17.00
C SER A 187 -19.33 -31.33 17.54
N PRO A 188 -20.46 -31.57 16.86
CA PRO A 188 -21.73 -31.03 17.32
C PRO A 188 -22.00 -31.40 18.77
N GLU A 189 -21.31 -32.45 19.22
CA GLU A 189 -21.42 -32.93 20.58
C GLU A 189 -20.85 -31.91 21.56
N LYS A 190 -19.54 -31.96 21.80
CA LYS A 190 -18.86 -31.03 22.72
C LYS A 190 -19.43 -29.61 22.59
N ALA A 191 -19.81 -29.27 21.36
CA ALA A 191 -20.38 -27.97 21.10
C ALA A 191 -21.60 -27.77 21.98
N CYS A 192 -22.75 -28.26 21.50
CA CYS A 192 -24.01 -28.15 22.22
C CYS A 192 -23.83 -28.29 23.72
N SER A 193 -23.01 -29.26 24.12
CA SER A 193 -22.73 -29.51 25.52
C SER A 193 -22.37 -28.22 26.25
N LEU A 194 -21.40 -27.48 25.71
CA LEU A 194 -20.95 -26.24 26.33
C LEU A 194 -21.94 -25.07 26.22
N ALA A 195 -22.58 -24.93 25.07
CA ALA A 195 -23.53 -23.84 24.85
C ALA A 195 -24.79 -23.99 25.70
N LYS A 196 -25.29 -25.22 25.86
CA LYS A 196 -26.47 -25.43 26.67
C LYS A 196 -26.11 -25.16 28.13
N THR A 197 -25.04 -25.80 28.60
CA THR A 197 -24.60 -25.60 29.97
C THR A 197 -24.55 -24.11 30.29
N ALA A 198 -23.55 -23.42 29.72
CA ALA A 198 -23.36 -21.99 29.95
C ALA A 198 -24.67 -21.21 29.96
N PHE A 199 -25.67 -21.71 29.24
CA PHE A 199 -26.96 -21.05 29.18
C PHE A 199 -27.77 -21.32 30.46
N ASP A 200 -27.79 -22.57 30.91
CA ASP A 200 -28.50 -22.93 32.11
C ASP A 200 -27.89 -22.19 33.30
N GLU A 201 -26.58 -22.33 33.45
CA GLU A 201 -25.87 -21.67 34.54
C GLU A 201 -26.17 -20.18 34.56
N ALA A 202 -26.56 -19.63 33.42
CA ALA A 202 -26.89 -18.20 33.36
C ALA A 202 -28.28 -18.04 33.93
N ILE A 203 -29.19 -18.90 33.47
CA ILE A 203 -30.57 -18.89 33.92
C ILE A 203 -30.64 -19.08 35.44
N ALA A 204 -29.88 -20.04 35.95
CA ALA A 204 -29.83 -20.32 37.38
C ALA A 204 -29.66 -19.06 38.21
N GLU A 205 -29.17 -17.99 37.58
CA GLU A 205 -28.96 -16.72 38.28
C GLU A 205 -29.55 -15.53 37.55
N LEU A 206 -30.63 -15.75 36.80
CA LEU A 206 -31.25 -14.66 36.05
C LEU A 206 -31.47 -13.42 36.91
N ASP A 207 -31.48 -13.62 38.23
CA ASP A 207 -31.69 -12.53 39.17
C ASP A 207 -30.34 -11.86 39.48
N THR A 208 -29.27 -12.61 39.25
CA THR A 208 -27.91 -12.12 39.49
C THR A 208 -27.58 -11.13 38.37
N LEU A 209 -28.50 -11.01 37.41
CA LEU A 209 -28.33 -10.09 36.30
C LEU A 209 -28.40 -8.67 36.86
N SER A 210 -27.76 -7.75 36.15
CA SER A 210 -27.73 -6.36 36.55
C SER A 210 -28.14 -5.45 35.40
N GLU A 211 -28.75 -4.32 35.71
CA GLU A 211 -29.16 -3.39 34.67
C GLU A 211 -27.90 -2.93 33.96
N GLU A 212 -26.75 -3.25 34.57
CA GLU A 212 -25.45 -2.91 34.01
C GLU A 212 -25.17 -3.76 32.78
N SER A 213 -25.95 -4.84 32.60
CA SER A 213 -25.75 -5.71 31.45
C SER A 213 -26.87 -6.72 31.21
N TYR A 214 -27.96 -6.59 31.95
CA TYR A 214 -29.08 -7.53 31.80
C TYR A 214 -29.44 -7.59 30.33
N LYS A 215 -29.17 -6.50 29.62
CA LYS A 215 -29.47 -6.43 28.20
C LYS A 215 -28.37 -7.09 27.37
N ASP A 216 -27.17 -7.19 27.94
CA ASP A 216 -26.04 -7.79 27.26
C ASP A 216 -25.99 -9.28 27.49
N SER A 217 -26.20 -9.67 28.74
CA SER A 217 -26.18 -11.06 29.12
C SER A 217 -27.22 -11.83 28.30
N THR A 218 -28.47 -11.42 28.39
CA THR A 218 -29.54 -12.07 27.65
C THR A 218 -29.29 -12.00 26.14
N LEU A 219 -28.77 -10.86 25.69
CA LEU A 219 -28.47 -10.67 24.29
C LEU A 219 -27.58 -11.82 23.83
N ILE A 220 -26.48 -12.04 24.56
CA ILE A 220 -25.58 -13.15 24.22
C ILE A 220 -26.29 -14.47 24.47
N MET A 221 -27.10 -14.51 25.52
CA MET A 221 -27.85 -15.72 25.85
C MET A 221 -28.82 -16.08 24.72
N GLN A 222 -29.25 -15.08 23.94
CA GLN A 222 -30.15 -15.35 22.83
C GLN A 222 -29.34 -15.95 21.69
N LEU A 223 -28.10 -15.49 21.55
CA LEU A 223 -27.20 -15.98 20.52
C LEU A 223 -26.80 -17.41 20.86
N LEU A 224 -26.63 -17.68 22.16
CA LEU A 224 -26.29 -19.02 22.63
C LEU A 224 -27.48 -19.93 22.35
N ARG A 225 -28.67 -19.39 22.57
CA ARG A 225 -29.91 -20.11 22.35
C ARG A 225 -30.06 -20.38 20.86
N ASP A 226 -30.04 -19.32 20.07
CA ASP A 226 -30.17 -19.44 18.62
C ASP A 226 -29.23 -20.48 18.03
N ASN A 227 -27.94 -20.39 18.32
CA ASN A 227 -26.97 -21.35 17.81
C ASN A 227 -27.35 -22.75 18.30
N LEU A 228 -27.59 -22.85 19.60
CA LEU A 228 -27.93 -24.11 20.23
C LEU A 228 -28.90 -24.95 19.41
N THR A 229 -30.13 -24.47 19.26
CA THR A 229 -31.12 -25.24 18.51
C THR A 229 -30.77 -25.27 17.02
N LEU A 230 -30.12 -24.22 16.53
CA LEU A 230 -29.72 -24.16 15.13
C LEU A 230 -28.87 -25.37 14.79
N TRP A 231 -28.24 -25.96 15.80
CA TRP A 231 -27.41 -27.15 15.59
C TRP A 231 -28.22 -28.42 15.84
N THR A 232 -29.01 -28.41 16.90
CA THR A 232 -29.83 -29.57 17.24
C THR A 232 -30.85 -29.80 16.13
N SER A 233 -31.28 -28.69 15.51
CA SER A 233 -32.25 -28.73 14.41
C SER A 233 -31.58 -29.19 13.12
N GLY B 1 -9.41 19.21 -16.26
CA GLY B 1 -10.06 20.37 -16.93
C GLY B 1 -9.68 21.64 -16.21
N SER B 2 -9.30 21.47 -14.96
CA SER B 2 -8.88 22.55 -14.08
C SER B 2 -8.37 21.87 -12.83
N HIS B 3 -8.59 20.56 -12.77
CA HIS B 3 -8.19 19.79 -11.62
C HIS B 3 -6.76 19.30 -11.66
N MET B 4 -6.18 19.24 -12.84
CA MET B 4 -4.80 18.76 -13.00
C MET B 4 -3.82 19.85 -13.41
N ASP B 5 -2.70 19.94 -12.70
CA ASP B 5 -1.65 20.91 -13.01
C ASP B 5 -0.50 20.12 -13.61
N LYS B 6 -0.57 19.88 -14.91
CA LYS B 6 0.47 19.09 -15.58
C LYS B 6 1.88 19.53 -15.15
N ASN B 7 2.16 20.83 -15.27
CA ASN B 7 3.47 21.34 -14.93
C ASN B 7 3.99 20.93 -13.55
N GLU B 8 3.13 20.97 -12.54
CA GLU B 8 3.59 20.58 -11.21
C GLU B 8 3.88 19.07 -11.15
N LEU B 9 3.11 18.26 -11.88
CA LEU B 9 3.32 16.82 -11.92
C LEU B 9 4.76 16.53 -12.38
N VAL B 10 5.16 17.20 -13.47
CA VAL B 10 6.49 17.04 -14.02
C VAL B 10 7.55 17.47 -13.00
N GLN B 11 7.32 18.58 -12.34
CA GLN B 11 8.25 19.08 -11.35
C GLN B 11 8.27 18.09 -10.20
N LYS B 12 7.10 17.59 -9.84
CA LYS B 12 7.03 16.58 -8.77
C LYS B 12 7.84 15.35 -9.23
N ALA B 13 7.72 15.00 -10.50
CA ALA B 13 8.46 13.87 -11.04
C ALA B 13 9.96 14.17 -10.96
N LYS B 14 10.32 15.40 -11.25
CA LYS B 14 11.73 15.79 -11.17
C LYS B 14 12.23 15.74 -9.72
N LEU B 15 11.38 16.14 -8.77
CA LEU B 15 11.75 16.10 -7.36
C LEU B 15 11.95 14.66 -6.89
N ALA B 16 11.02 13.79 -7.30
CA ALA B 16 11.10 12.38 -6.93
C ALA B 16 12.37 11.73 -7.48
N GLU B 17 12.76 12.10 -8.70
CA GLU B 17 13.99 11.55 -9.28
C GLU B 17 15.21 11.93 -8.44
N GLN B 18 15.32 13.21 -8.08
CA GLN B 18 16.45 13.68 -7.29
C GLN B 18 16.51 13.04 -5.91
N ALA B 19 15.35 12.63 -5.39
CA ALA B 19 15.28 11.98 -4.11
C ALA B 19 15.45 10.46 -4.28
N GLU B 20 15.68 10.05 -5.52
CA GLU B 20 15.83 8.63 -5.87
C GLU B 20 14.62 7.78 -5.47
N ARG B 21 13.44 8.34 -5.68
CA ARG B 21 12.19 7.65 -5.36
C ARG B 21 11.50 7.47 -6.70
N TYR B 22 11.92 6.42 -7.39
CA TYR B 22 11.43 6.13 -8.70
C TYR B 22 9.97 5.69 -8.81
N ASP B 23 9.45 4.95 -7.84
CA ASP B 23 8.02 4.57 -7.91
C ASP B 23 7.26 5.89 -7.96
N ASP B 24 7.55 6.79 -7.02
CA ASP B 24 6.93 8.12 -7.00
C ASP B 24 7.15 8.78 -8.37
N MET B 25 8.37 8.71 -8.88
CA MET B 25 8.67 9.31 -10.17
C MET B 25 7.80 8.78 -11.32
N ALA B 26 7.60 7.46 -11.37
CA ALA B 26 6.77 6.86 -12.42
C ALA B 26 5.30 7.30 -12.31
N ALA B 27 4.76 7.27 -11.10
CA ALA B 27 3.36 7.67 -10.91
C ALA B 27 3.09 9.09 -11.42
N CYS B 28 4.06 10.00 -11.26
CA CYS B 28 3.84 11.36 -11.76
C CYS B 28 3.88 11.37 -13.28
N MET B 29 4.86 10.71 -13.86
CA MET B 29 4.95 10.72 -15.31
C MET B 29 3.73 10.04 -15.90
N LYS B 30 3.22 9.03 -15.20
CA LYS B 30 2.03 8.35 -15.69
C LYS B 30 0.85 9.34 -15.74
N SER B 31 0.65 10.11 -14.67
CA SER B 31 -0.41 11.11 -14.69
C SER B 31 -0.09 12.14 -15.79
N VAL B 32 1.19 12.49 -15.94
CA VAL B 32 1.54 13.47 -16.97
C VAL B 32 1.10 13.01 -18.35
N THR B 33 1.35 11.73 -18.65
CA THR B 33 0.99 11.14 -19.94
C THR B 33 -0.51 11.16 -20.15
N GLU B 34 -1.26 10.96 -19.07
CA GLU B 34 -2.71 10.93 -19.15
C GLU B 34 -3.40 12.27 -19.38
N GLN B 35 -2.66 13.37 -19.31
CA GLN B 35 -3.29 14.66 -19.58
C GLN B 35 -3.63 14.64 -21.06
N GLY B 36 -2.93 13.80 -21.81
CA GLY B 36 -3.22 13.66 -23.23
C GLY B 36 -2.29 14.29 -24.24
N ALA B 37 -1.54 15.30 -23.84
CA ALA B 37 -0.62 15.97 -24.77
C ALA B 37 0.60 15.11 -25.07
N GLU B 38 1.21 15.35 -26.23
CA GLU B 38 2.40 14.61 -26.58
C GLU B 38 3.53 15.11 -25.71
N LEU B 39 4.25 14.18 -25.09
CA LEU B 39 5.37 14.54 -24.22
C LEU B 39 6.49 15.20 -25.02
N SER B 40 7.15 16.17 -24.39
CA SER B 40 8.27 16.87 -25.01
C SER B 40 9.51 15.99 -24.82
N ASN B 41 10.66 16.48 -25.27
CA ASN B 41 11.90 15.75 -25.11
C ASN B 41 12.09 15.35 -23.63
N GLU B 42 12.03 16.36 -22.78
CA GLU B 42 12.18 16.27 -21.33
C GLU B 42 11.28 15.21 -20.69
N GLU B 43 9.99 15.29 -20.98
CA GLU B 43 8.98 14.38 -20.40
C GLU B 43 9.18 12.94 -20.82
N ARG B 44 9.45 12.72 -22.10
CA ARG B 44 9.68 11.37 -22.57
C ARG B 44 10.83 10.77 -21.78
N ASN B 45 11.90 11.54 -21.61
CA ASN B 45 13.05 11.05 -20.86
C ASN B 45 12.69 10.67 -19.43
N LEU B 46 12.04 11.57 -18.72
CA LEU B 46 11.64 11.29 -17.34
C LEU B 46 10.79 10.01 -17.27
N LEU B 47 9.84 9.87 -18.19
CA LEU B 47 8.97 8.70 -18.24
C LEU B 47 9.80 7.41 -18.38
N SER B 48 10.74 7.39 -19.30
CA SER B 48 11.55 6.18 -19.49
C SER B 48 12.55 5.91 -18.39
N VAL B 49 13.17 6.97 -17.85
CA VAL B 49 14.12 6.78 -16.78
C VAL B 49 13.38 6.21 -15.57
N ALA B 50 12.21 6.78 -15.27
CA ALA B 50 11.44 6.33 -14.12
C ALA B 50 11.00 4.86 -14.20
N TYR B 51 10.37 4.46 -15.30
CA TYR B 51 9.95 3.06 -15.38
C TYR B 51 11.11 2.09 -15.51
N LYS B 52 12.14 2.49 -16.23
CA LYS B 52 13.32 1.66 -16.38
C LYS B 52 13.83 1.26 -14.99
N ASN B 53 13.87 2.24 -14.09
CA ASN B 53 14.32 1.99 -12.71
C ASN B 53 13.36 1.07 -11.99
N VAL B 54 12.07 1.38 -12.11
CA VAL B 54 11.05 0.61 -11.44
C VAL B 54 10.96 -0.82 -11.92
N VAL B 55 10.86 -1.01 -13.22
CA VAL B 55 10.76 -2.35 -13.75
C VAL B 55 12.12 -3.03 -13.58
N GLY B 56 13.18 -2.27 -13.80
CA GLY B 56 14.52 -2.81 -13.67
C GLY B 56 14.81 -3.49 -12.34
N ALA B 57 14.40 -2.86 -11.24
CA ALA B 57 14.64 -3.42 -9.92
C ALA B 57 13.94 -4.78 -9.73
N ARG B 58 12.76 -4.91 -10.33
CA ARG B 58 12.05 -6.18 -10.21
C ARG B 58 12.69 -7.28 -11.09
N ARG B 59 12.98 -6.97 -12.35
CA ARG B 59 13.58 -7.96 -13.24
C ARG B 59 14.85 -8.52 -12.62
N SER B 60 15.62 -7.65 -11.99
CA SER B 60 16.84 -8.06 -11.35
C SER B 60 16.53 -8.97 -10.18
N SER B 61 15.58 -8.55 -9.35
CA SER B 61 15.19 -9.34 -8.18
C SER B 61 14.57 -10.66 -8.62
N TRP B 62 13.94 -10.65 -9.79
CA TRP B 62 13.33 -11.85 -10.31
C TRP B 62 14.45 -12.82 -10.69
N ARG B 63 15.39 -12.34 -11.49
CA ARG B 63 16.52 -13.17 -11.91
C ARG B 63 17.19 -13.78 -10.70
N VAL B 64 17.48 -12.94 -9.71
CA VAL B 64 18.12 -13.40 -8.49
C VAL B 64 17.33 -14.49 -7.76
N VAL B 65 16.08 -14.18 -7.42
CA VAL B 65 15.25 -15.14 -6.72
C VAL B 65 14.93 -16.37 -7.57
N SER B 66 14.69 -16.15 -8.86
CA SER B 66 14.37 -17.23 -9.79
C SER B 66 15.43 -18.32 -9.67
N SER B 67 16.69 -17.89 -9.61
CA SER B 67 17.81 -18.82 -9.48
C SER B 67 17.64 -19.60 -8.19
N ILE B 68 17.93 -18.96 -7.06
CA ILE B 68 17.80 -19.61 -5.76
C ILE B 68 16.74 -20.69 -5.82
N GLU B 69 15.55 -20.31 -6.28
CA GLU B 69 14.44 -21.25 -6.39
C GLU B 69 14.92 -22.53 -7.08
N GLN B 70 15.39 -22.37 -8.31
CA GLN B 70 15.89 -23.48 -9.10
C GLN B 70 16.99 -24.25 -8.38
N LYS B 71 18.08 -23.55 -8.04
CA LYS B 71 19.22 -24.15 -7.35
C LYS B 71 18.82 -24.75 -5.99
N THR B 72 17.58 -24.53 -5.60
CA THR B 72 17.07 -25.06 -4.34
C THR B 72 16.00 -26.09 -4.67
N GLU B 73 16.26 -26.89 -5.71
CA GLU B 73 15.34 -27.92 -6.15
C GLU B 73 15.44 -29.20 -5.32
N GLY B 74 16.26 -29.17 -4.28
CA GLY B 74 16.42 -30.33 -3.42
C GLY B 74 15.59 -30.24 -2.15
N ALA B 75 15.21 -29.02 -1.77
CA ALA B 75 14.41 -28.80 -0.56
C ALA B 75 13.02 -28.26 -0.91
N GLU B 76 12.00 -29.08 -0.65
CA GLU B 76 10.61 -28.73 -0.94
C GLU B 76 10.10 -27.44 -0.29
N LYS B 77 10.64 -27.08 0.86
CA LYS B 77 10.23 -25.86 1.56
C LYS B 77 11.04 -24.66 1.12
N LYS B 78 12.35 -24.85 0.95
CA LYS B 78 13.24 -23.76 0.53
C LYS B 78 12.97 -23.34 -0.90
N GLN B 79 12.44 -24.26 -1.70
CA GLN B 79 12.12 -23.98 -3.10
C GLN B 79 10.69 -23.46 -3.24
N GLN B 80 9.86 -23.77 -2.25
CA GLN B 80 8.47 -23.33 -2.25
C GLN B 80 8.41 -21.88 -1.77
N MET B 81 9.41 -21.50 -0.98
CA MET B 81 9.51 -20.15 -0.44
C MET B 81 10.00 -19.21 -1.53
N ALA B 82 11.01 -19.67 -2.27
CA ALA B 82 11.57 -18.91 -3.35
C ALA B 82 10.55 -18.72 -4.47
N ARG B 83 9.78 -19.77 -4.75
CA ARG B 83 8.78 -19.70 -5.80
C ARG B 83 7.67 -18.71 -5.46
N GLU B 84 7.22 -18.73 -4.20
CA GLU B 84 6.17 -17.82 -3.77
C GLU B 84 6.70 -16.38 -3.79
N TYR B 85 7.99 -16.23 -3.51
CA TYR B 85 8.61 -14.92 -3.52
C TYR B 85 8.75 -14.45 -4.97
N ARG B 86 9.12 -15.37 -5.84
CA ARG B 86 9.27 -15.06 -7.26
C ARG B 86 7.94 -14.60 -7.85
N GLU B 87 6.86 -15.30 -7.48
CA GLU B 87 5.52 -14.98 -7.98
C GLU B 87 5.11 -13.60 -7.51
N LYS B 88 5.47 -13.28 -6.27
CA LYS B 88 5.14 -11.99 -5.69
C LYS B 88 5.78 -10.91 -6.58
N ILE B 89 7.09 -11.05 -6.80
CA ILE B 89 7.82 -10.10 -7.63
C ILE B 89 7.26 -10.04 -9.04
N GLU B 90 6.95 -11.21 -9.59
CA GLU B 90 6.35 -11.28 -10.93
C GLU B 90 5.07 -10.45 -11.00
N THR B 91 4.18 -10.66 -10.03
CA THR B 91 2.93 -9.91 -10.00
C THR B 91 3.22 -8.40 -10.02
N GLU B 92 4.17 -7.95 -9.19
CA GLU B 92 4.56 -6.54 -9.17
C GLU B 92 5.06 -6.17 -10.57
N LEU B 93 5.91 -7.03 -11.11
CA LEU B 93 6.49 -6.83 -12.43
C LEU B 93 5.41 -6.68 -13.48
N ARG B 94 4.38 -7.52 -13.42
CA ARG B 94 3.30 -7.46 -14.42
C ARG B 94 2.48 -6.19 -14.29
N ASP B 95 2.22 -5.74 -13.07
CA ASP B 95 1.45 -4.52 -12.92
C ASP B 95 2.21 -3.38 -13.62
N ILE B 96 3.52 -3.31 -13.39
CA ILE B 96 4.32 -2.26 -13.99
C ILE B 96 4.24 -2.32 -15.50
N CYS B 97 4.54 -3.47 -16.10
CA CYS B 97 4.47 -3.59 -17.56
C CYS B 97 3.08 -3.29 -18.16
N ASN B 98 2.02 -3.70 -17.46
CA ASN B 98 0.67 -3.44 -17.94
C ASN B 98 0.39 -1.94 -18.03
N ASP B 99 0.81 -1.18 -17.01
CA ASP B 99 0.59 0.25 -17.03
C ASP B 99 1.39 0.90 -18.15
N VAL B 100 2.67 0.55 -18.23
CA VAL B 100 3.52 1.11 -19.28
C VAL B 100 2.97 0.74 -20.66
N LEU B 101 2.61 -0.54 -20.83
CA LEU B 101 2.05 -0.97 -22.11
C LEU B 101 0.75 -0.24 -22.39
N SER B 102 -0.01 0.06 -21.33
CA SER B 102 -1.28 0.76 -21.50
C SER B 102 -1.05 2.22 -21.92
N LEU B 103 -0.03 2.86 -21.33
CA LEU B 103 0.27 4.24 -21.70
C LEU B 103 0.80 4.30 -23.13
N LEU B 104 1.67 3.36 -23.47
CA LEU B 104 2.24 3.29 -24.81
C LEU B 104 1.17 3.02 -25.87
N GLU B 105 0.25 2.11 -25.58
CA GLU B 105 -0.81 1.76 -26.52
C GLU B 105 -1.90 2.84 -26.67
N LYS B 106 -2.29 3.46 -25.57
CA LYS B 106 -3.35 4.45 -25.62
C LYS B 106 -2.98 5.92 -25.76
N PHE B 107 -1.80 6.34 -25.32
CA PHE B 107 -1.43 7.75 -25.42
C PHE B 107 -0.21 8.08 -26.26
N LEU B 108 0.94 7.59 -25.83
CA LEU B 108 2.21 7.88 -26.48
C LEU B 108 2.33 7.62 -27.98
N ILE B 109 2.28 6.36 -28.40
CA ILE B 109 2.42 6.04 -29.80
C ILE B 109 1.38 6.73 -30.67
N PRO B 110 0.09 6.67 -30.28
CA PRO B 110 -0.97 7.31 -31.07
C PRO B 110 -0.75 8.82 -31.24
N ASN B 111 0.21 9.36 -30.49
CA ASN B 111 0.53 10.79 -30.53
C ASN B 111 1.93 11.09 -31.08
N ALA B 112 2.72 10.06 -31.31
CA ALA B 112 4.06 10.26 -31.83
C ALA B 112 3.99 10.81 -33.24
N SER B 113 4.01 12.14 -33.37
CA SER B 113 3.94 12.75 -34.69
C SER B 113 5.21 12.45 -35.48
N GLN B 114 6.36 12.79 -34.91
CA GLN B 114 7.66 12.56 -35.55
C GLN B 114 8.21 11.14 -35.42
N ALA B 115 8.91 10.68 -36.45
CA ALA B 115 9.48 9.34 -36.49
C ALA B 115 10.41 9.00 -35.33
N GLU B 116 11.12 10.00 -34.81
CA GLU B 116 12.06 9.75 -33.72
C GLU B 116 11.39 9.18 -32.46
N SER B 117 10.42 9.91 -31.92
CA SER B 117 9.73 9.45 -30.73
C SER B 117 8.83 8.27 -31.03
N LYS B 118 8.30 8.23 -32.26
CA LYS B 118 7.45 7.12 -32.65
C LYS B 118 8.26 5.84 -32.50
N VAL B 119 9.50 5.87 -33.00
CA VAL B 119 10.42 4.73 -32.93
C VAL B 119 10.81 4.43 -31.49
N PHE B 120 10.94 5.47 -30.71
CA PHE B 120 11.33 5.33 -29.31
C PHE B 120 10.26 4.61 -28.49
N TYR B 121 9.01 5.02 -28.68
CA TYR B 121 7.91 4.40 -27.95
C TYR B 121 7.65 2.98 -28.43
N LEU B 122 7.68 2.78 -29.75
CA LEU B 122 7.46 1.45 -30.28
C LEU B 122 8.51 0.51 -29.71
N LYS B 123 9.73 1.02 -29.56
CA LYS B 123 10.83 0.25 -29.01
C LYS B 123 10.51 -0.11 -27.56
N MET B 124 9.89 0.83 -26.83
CA MET B 124 9.52 0.57 -25.44
C MET B 124 8.48 -0.56 -25.42
N LYS B 125 7.46 -0.43 -26.24
CA LYS B 125 6.41 -1.45 -26.32
C LYS B 125 7.02 -2.84 -26.46
N GLY B 126 7.98 -2.98 -27.36
CA GLY B 126 8.62 -4.26 -27.55
C GLY B 126 9.33 -4.74 -26.29
N ASP B 127 10.04 -3.81 -25.63
CA ASP B 127 10.76 -4.13 -24.40
C ASP B 127 9.86 -4.62 -23.28
N TYR B 128 8.78 -3.90 -23.01
CA TYR B 128 7.89 -4.30 -21.91
C TYR B 128 7.10 -5.58 -22.18
N TYR B 129 6.74 -5.84 -23.43
CA TYR B 129 6.07 -7.10 -23.74
C TYR B 129 7.16 -8.16 -23.53
N ARG B 130 8.40 -7.82 -23.89
CA ARG B 130 9.51 -8.74 -23.72
C ARG B 130 9.67 -9.10 -22.24
N TYR B 131 9.42 -8.15 -21.34
CA TYR B 131 9.55 -8.42 -19.90
C TYR B 131 8.39 -9.30 -19.43
N LEU B 132 7.24 -9.15 -20.07
CA LEU B 132 6.09 -9.96 -19.71
C LEU B 132 6.38 -11.39 -20.17
N ALA B 133 6.91 -11.49 -21.39
CA ALA B 133 7.26 -12.79 -21.98
C ALA B 133 8.21 -13.59 -21.08
N GLU B 134 9.20 -12.92 -20.49
CA GLU B 134 10.16 -13.60 -19.63
C GLU B 134 9.51 -14.18 -18.40
N VAL B 135 8.32 -13.68 -18.05
CA VAL B 135 7.65 -14.18 -16.86
C VAL B 135 6.27 -14.79 -17.10
N ALA B 136 5.90 -14.94 -18.38
CA ALA B 136 4.61 -15.49 -18.76
C ALA B 136 4.51 -17.01 -18.63
N ALA B 137 3.28 -17.50 -18.53
CA ALA B 137 3.02 -18.94 -18.45
C ALA B 137 3.10 -19.47 -19.88
N GLY B 138 3.47 -20.74 -20.02
CA GLY B 138 3.59 -21.35 -21.34
C GLY B 138 2.48 -21.06 -22.35
N ASP B 139 1.24 -21.01 -21.88
CA ASP B 139 0.09 -20.77 -22.76
C ASP B 139 0.06 -19.38 -23.42
N ASP B 140 0.09 -18.32 -22.61
CA ASP B 140 0.01 -16.96 -23.12
C ASP B 140 1.36 -16.44 -23.65
N LYS B 141 2.42 -17.18 -23.37
CA LYS B 141 3.76 -16.78 -23.78
C LYS B 141 3.93 -16.34 -25.23
N LYS B 142 3.67 -17.26 -26.17
CA LYS B 142 3.82 -16.97 -27.59
C LYS B 142 3.16 -15.67 -28.04
N GLY B 143 1.86 -15.56 -27.85
CA GLY B 143 1.15 -14.36 -28.26
C GLY B 143 1.77 -13.09 -27.70
N ILE B 144 2.21 -13.16 -26.45
CA ILE B 144 2.85 -12.02 -25.80
C ILE B 144 4.17 -11.77 -26.52
N VAL B 145 4.98 -12.82 -26.64
CA VAL B 145 6.26 -12.73 -27.34
C VAL B 145 6.04 -12.20 -28.75
N ASP B 146 4.91 -12.54 -29.34
CA ASP B 146 4.57 -12.09 -30.69
C ASP B 146 4.24 -10.59 -30.72
N GLN B 147 3.57 -10.10 -29.68
CA GLN B 147 3.23 -8.68 -29.60
C GLN B 147 4.54 -7.90 -29.63
N SER B 148 5.50 -8.39 -28.86
CA SER B 148 6.81 -7.77 -28.77
C SER B 148 7.48 -7.72 -30.13
N GLN B 149 7.56 -8.87 -30.79
CA GLN B 149 8.18 -8.91 -32.09
C GLN B 149 7.53 -7.93 -33.03
N GLN B 150 6.21 -7.85 -33.03
CA GLN B 150 5.52 -6.92 -33.91
C GLN B 150 5.95 -5.48 -33.65
N ALA B 151 6.12 -5.13 -32.38
CA ALA B 151 6.53 -3.77 -32.03
C ALA B 151 8.00 -3.49 -32.40
N TYR B 152 8.89 -4.40 -32.05
CA TYR B 152 10.29 -4.20 -32.41
C TYR B 152 10.42 -4.04 -33.92
N GLN B 153 9.80 -4.96 -34.66
CA GLN B 153 9.85 -4.93 -36.11
C GLN B 153 9.30 -3.62 -36.65
N GLU B 154 8.22 -3.14 -36.06
CA GLU B 154 7.61 -1.90 -36.53
C GLU B 154 8.52 -0.70 -36.28
N ALA B 155 9.29 -0.77 -35.21
CA ALA B 155 10.20 0.31 -34.86
C ALA B 155 11.45 0.28 -35.72
N PHE B 156 11.79 -0.90 -36.24
CA PHE B 156 12.96 -1.06 -37.08
C PHE B 156 12.67 -0.51 -38.47
N GLU B 157 11.50 -0.86 -39.01
CA GLU B 157 11.13 -0.37 -40.32
C GLU B 157 11.20 1.15 -40.27
N ILE B 158 10.58 1.74 -39.27
CA ILE B 158 10.57 3.20 -39.15
C ILE B 158 11.97 3.78 -39.01
N SER B 159 12.74 3.27 -38.06
CA SER B 159 14.10 3.79 -37.85
C SER B 159 14.89 3.65 -39.14
N LYS B 160 14.75 2.47 -39.76
CA LYS B 160 15.43 2.13 -41.00
C LYS B 160 15.29 3.20 -42.10
N LYS B 161 14.08 3.72 -42.28
CA LYS B 161 13.84 4.72 -43.32
C LYS B 161 13.79 6.17 -42.83
N GLU B 162 13.83 6.40 -41.52
CA GLU B 162 13.73 7.77 -41.03
C GLU B 162 14.87 8.28 -40.15
N MET B 163 15.81 7.41 -39.83
CA MET B 163 16.93 7.81 -38.99
C MET B 163 18.26 7.34 -39.57
N GLN B 164 19.35 7.97 -39.12
CA GLN B 164 20.68 7.62 -39.58
C GLN B 164 21.15 6.38 -38.80
N PRO B 165 21.78 5.41 -39.49
CA PRO B 165 22.27 4.18 -38.88
C PRO B 165 23.16 4.39 -37.65
N THR B 166 23.51 5.64 -37.40
CA THR B 166 24.37 6.00 -36.27
C THR B 166 23.55 6.51 -35.09
N HIS B 167 22.33 6.97 -35.37
CA HIS B 167 21.45 7.48 -34.34
C HIS B 167 21.33 6.50 -33.16
N PRO B 168 21.64 6.96 -31.95
CA PRO B 168 21.58 6.15 -30.73
C PRO B 168 20.31 5.33 -30.60
N ILE B 169 19.18 6.02 -30.73
CA ILE B 169 17.88 5.39 -30.62
C ILE B 169 17.72 4.23 -31.60
N ARG B 170 18.18 4.39 -32.84
CA ARG B 170 18.07 3.29 -33.79
C ARG B 170 19.07 2.22 -33.41
N LEU B 171 20.17 2.62 -32.79
CA LEU B 171 21.15 1.64 -32.35
C LEU B 171 20.57 0.89 -31.17
N GLY B 172 19.96 1.62 -30.25
CA GLY B 172 19.34 1.02 -29.08
C GLY B 172 18.30 0.00 -29.54
N LEU B 173 17.56 0.34 -30.58
CA LEU B 173 16.55 -0.57 -31.11
C LEU B 173 17.17 -1.88 -31.53
N ALA B 174 18.27 -1.80 -32.29
CA ALA B 174 18.96 -2.99 -32.77
C ALA B 174 19.50 -3.79 -31.60
N LEU B 175 20.02 -3.08 -30.60
CA LEU B 175 20.54 -3.76 -29.43
C LEU B 175 19.46 -4.60 -28.75
N ASN B 176 18.36 -3.97 -28.38
CA ASN B 176 17.29 -4.70 -27.69
C ASN B 176 16.59 -5.72 -28.57
N PHE B 177 16.37 -5.38 -29.83
CA PHE B 177 15.71 -6.28 -30.76
C PHE B 177 16.59 -7.51 -30.99
N SER B 178 17.89 -7.37 -30.79
CA SER B 178 18.79 -8.50 -30.97
C SER B 178 18.71 -9.39 -29.74
N VAL B 179 18.70 -8.76 -28.56
CA VAL B 179 18.59 -9.49 -27.29
C VAL B 179 17.31 -10.31 -27.30
N PHE B 180 16.26 -9.74 -27.88
CA PHE B 180 14.97 -10.41 -27.98
C PHE B 180 15.09 -11.63 -28.87
N TYR B 181 16.00 -11.58 -29.84
CA TYR B 181 16.18 -12.73 -30.73
C TYR B 181 17.03 -13.77 -30.02
N TYR B 182 18.07 -13.31 -29.35
CA TYR B 182 18.95 -14.22 -28.64
C TYR B 182 18.37 -14.74 -27.33
N GLU B 183 17.61 -13.91 -26.62
CA GLU B 183 17.04 -14.32 -25.34
C GLU B 183 15.59 -14.81 -25.36
N ILE B 184 14.79 -14.37 -26.32
CA ILE B 184 13.40 -14.80 -26.32
C ILE B 184 13.04 -15.80 -27.41
N LEU B 185 13.39 -15.51 -28.66
CA LEU B 185 13.10 -16.42 -29.76
C LEU B 185 14.23 -17.41 -29.97
N ASN B 186 15.04 -17.58 -28.93
CA ASN B 186 16.19 -18.49 -28.94
C ASN B 186 16.75 -18.76 -30.34
N SER B 187 17.59 -17.85 -30.83
CA SER B 187 18.21 -18.00 -32.14
C SER B 187 19.23 -16.90 -32.39
N PRO B 188 20.50 -17.16 -32.04
CA PRO B 188 21.61 -16.21 -32.21
C PRO B 188 21.91 -15.83 -33.65
N GLU B 189 21.16 -16.40 -34.58
CA GLU B 189 21.34 -16.12 -35.99
C GLU B 189 20.77 -14.75 -36.36
N LYS B 190 19.45 -14.60 -36.24
CA LYS B 190 18.80 -13.33 -36.53
C LYS B 190 19.38 -12.30 -35.57
N ALA B 191 19.83 -12.78 -34.43
CA ALA B 191 20.42 -11.95 -33.39
C ALA B 191 21.71 -11.29 -33.84
N CYS B 192 22.73 -12.11 -34.04
CA CYS B 192 24.05 -11.63 -34.45
C CYS B 192 24.04 -10.75 -35.70
N SER B 193 23.30 -11.16 -36.72
CA SER B 193 23.23 -10.37 -37.94
C SER B 193 22.69 -9.00 -37.64
N LEU B 194 21.53 -8.97 -36.98
CA LEU B 194 20.89 -7.72 -36.62
C LEU B 194 21.90 -6.87 -35.86
N ALA B 195 22.63 -7.52 -34.97
CA ALA B 195 23.65 -6.82 -34.19
C ALA B 195 24.70 -6.21 -35.11
N LYS B 196 25.59 -7.04 -35.62
CA LYS B 196 26.66 -6.59 -36.51
C LYS B 196 26.18 -5.59 -37.56
N THR B 197 25.11 -5.95 -38.26
CA THR B 197 24.56 -5.10 -39.31
C THR B 197 24.29 -3.66 -38.84
N ALA B 198 23.76 -3.51 -37.63
CA ALA B 198 23.47 -2.18 -37.10
C ALA B 198 24.78 -1.51 -36.74
N PHE B 199 25.78 -2.33 -36.45
CA PHE B 199 27.10 -1.84 -36.08
C PHE B 199 27.87 -1.45 -37.34
N ASP B 200 27.67 -2.21 -38.42
CA ASP B 200 28.34 -1.92 -39.67
C ASP B 200 27.86 -0.59 -40.21
N GLU B 201 26.56 -0.51 -40.50
CA GLU B 201 25.98 0.71 -41.03
C GLU B 201 26.33 1.92 -40.19
N ALA B 202 26.61 1.69 -38.91
CA ALA B 202 26.97 2.78 -38.00
C ALA B 202 28.38 3.28 -38.26
N ILE B 203 29.37 2.53 -37.77
CA ILE B 203 30.78 2.88 -37.93
C ILE B 203 31.04 3.58 -39.27
N ALA B 204 30.43 3.04 -40.32
CA ALA B 204 30.56 3.56 -41.68
C ALA B 204 30.17 5.02 -41.80
N GLU B 205 29.89 5.68 -40.69
CA GLU B 205 29.49 7.08 -40.72
C GLU B 205 29.83 7.87 -39.46
N LEU B 206 30.51 7.24 -38.51
CA LEU B 206 30.83 7.94 -37.28
C LEU B 206 31.63 9.21 -37.61
N ASP B 207 31.98 9.35 -38.87
CA ASP B 207 32.72 10.50 -39.35
C ASP B 207 31.80 11.72 -39.29
N THR B 208 30.50 11.47 -39.32
CA THR B 208 29.50 12.52 -39.26
C THR B 208 29.20 12.97 -37.83
N LEU B 209 29.25 12.03 -36.89
CA LEU B 209 29.00 12.34 -35.49
C LEU B 209 29.74 13.63 -35.16
N SER B 210 29.04 14.59 -34.57
CA SER B 210 29.64 15.88 -34.23
C SER B 210 30.17 15.95 -32.80
N GLU B 211 29.28 15.71 -31.84
CA GLU B 211 29.68 15.76 -30.44
C GLU B 211 28.60 15.20 -29.52
N GLU B 212 27.34 15.37 -29.92
CA GLU B 212 26.21 14.90 -29.11
C GLU B 212 26.02 13.39 -29.18
N SER B 213 25.93 12.85 -30.38
CA SER B 213 25.74 11.41 -30.56
C SER B 213 27.09 10.70 -30.62
N TYR B 214 28.17 11.47 -30.77
CA TYR B 214 29.51 10.90 -30.83
C TYR B 214 29.72 9.85 -29.73
N LYS B 215 29.78 10.31 -28.48
CA LYS B 215 29.99 9.42 -27.35
C LYS B 215 28.68 8.69 -27.02
N ASP B 216 27.59 9.20 -27.57
CA ASP B 216 26.28 8.61 -27.35
C ASP B 216 26.13 7.33 -28.19
N SER B 217 26.53 7.43 -29.45
CA SER B 217 26.46 6.31 -30.38
C SER B 217 27.47 5.21 -30.05
N THR B 218 28.74 5.58 -29.98
CA THR B 218 29.81 4.64 -29.69
C THR B 218 29.55 3.83 -28.41
N LEU B 219 28.91 4.46 -27.43
CA LEU B 219 28.61 3.78 -26.19
C LEU B 219 27.75 2.55 -26.47
N ILE B 220 26.62 2.76 -27.13
CA ILE B 220 25.74 1.66 -27.48
C ILE B 220 26.49 0.66 -28.34
N MET B 221 27.12 1.16 -29.41
CA MET B 221 27.89 0.32 -30.33
C MET B 221 28.86 -0.59 -29.58
N GLN B 222 29.52 -0.03 -28.57
CA GLN B 222 30.45 -0.81 -27.77
C GLN B 222 29.61 -1.95 -27.19
N LEU B 223 28.52 -1.58 -26.51
N LEU B 223 28.52 -1.57 -26.52
CA LEU B 223 27.63 -2.55 -25.90
CA LEU B 223 27.61 -2.53 -25.91
C LEU B 223 27.14 -3.55 -26.96
C LEU B 223 27.14 -3.54 -26.96
N LEU B 224 26.74 -3.02 -28.12
CA LEU B 224 26.27 -3.87 -29.20
C LEU B 224 27.39 -4.81 -29.59
N ARG B 225 28.62 -4.37 -29.34
CA ARG B 225 29.79 -5.17 -29.66
C ARG B 225 29.99 -6.24 -28.59
N ASP B 226 29.70 -5.88 -27.33
CA ASP B 226 29.83 -6.82 -26.22
C ASP B 226 28.97 -8.05 -26.47
N ASN B 227 27.66 -7.84 -26.58
CA ASN B 227 26.74 -8.94 -26.81
C ASN B 227 27.14 -9.66 -28.09
N LEU B 228 27.51 -8.89 -29.10
CA LEU B 228 27.90 -9.46 -30.39
C LEU B 228 28.91 -10.58 -30.25
N THR B 229 29.98 -10.32 -29.49
CA THR B 229 31.02 -11.31 -29.28
C THR B 229 30.66 -12.34 -28.22
N LEU B 230 29.96 -11.90 -27.18
CA LEU B 230 29.55 -12.80 -26.11
C LEU B 230 28.73 -13.96 -26.65
N TRP B 231 27.78 -13.66 -27.55
CA TRP B 231 26.94 -14.69 -28.15
C TRP B 231 27.71 -15.51 -29.17
N THR B 232 28.90 -15.04 -29.53
CA THR B 232 29.73 -15.71 -30.51
C THR B 232 30.28 -17.05 -30.02
N SER B 233 31.30 -17.00 -29.18
CA SER B 233 31.93 -18.20 -28.63
C SER B 233 30.94 -19.14 -27.92
N GLY C 1 2.30 -19.87 17.69
CA GLY C 1 2.62 -21.04 18.53
C GLY C 1 2.56 -22.28 17.67
N SER C 2 2.44 -22.05 16.37
CA SER C 2 2.37 -23.09 15.37
C SER C 2 1.96 -22.40 14.09
N HIS C 3 1.66 -21.11 14.19
CA HIS C 3 1.24 -20.34 13.03
C HIS C 3 2.42 -19.69 12.34
N MET C 4 3.55 -19.64 13.04
CA MET C 4 4.72 -19.02 12.44
C MET C 4 6.00 -19.79 12.73
N ASP C 5 6.90 -19.78 11.75
CA ASP C 5 8.18 -20.46 11.89
C ASP C 5 9.33 -19.48 11.74
N LYS C 6 9.89 -19.07 12.87
CA LYS C 6 11.00 -18.11 12.90
C LYS C 6 12.02 -18.41 11.82
N ASN C 7 12.36 -19.68 11.70
CA ASN C 7 13.34 -20.15 10.75
C ASN C 7 13.05 -19.78 9.31
N GLU C 8 11.81 -19.99 8.86
CA GLU C 8 11.45 -19.60 7.50
C GLU C 8 11.59 -18.09 7.38
N LEU C 9 11.23 -17.37 8.45
CA LEU C 9 11.30 -15.92 8.47
C LEU C 9 12.72 -15.45 8.15
N VAL C 10 13.69 -16.06 8.84
CA VAL C 10 15.09 -15.71 8.60
C VAL C 10 15.47 -16.04 7.16
N GLN C 11 15.22 -17.26 6.73
CA GLN C 11 15.53 -17.63 5.35
C GLN C 11 14.91 -16.61 4.40
N LYS C 12 13.66 -16.23 4.67
CA LYS C 12 12.98 -15.27 3.82
C LYS C 12 13.67 -13.91 3.87
N ALA C 13 14.21 -13.56 5.03
CA ALA C 13 14.91 -12.29 5.16
C ALA C 13 16.13 -12.29 4.24
N LYS C 14 16.82 -13.43 4.18
CA LYS C 14 18.02 -13.58 3.36
C LYS C 14 17.71 -13.50 1.87
N LEU C 15 16.54 -13.99 1.49
CA LEU C 15 16.13 -13.95 0.09
C LEU C 15 15.83 -12.49 -0.26
N ALA C 16 15.11 -11.81 0.63
CA ALA C 16 14.79 -10.40 0.40
C ALA C 16 16.11 -9.63 0.21
N GLU C 17 17.12 -10.01 0.99
CA GLU C 17 18.41 -9.35 0.90
C GLU C 17 19.12 -9.56 -0.43
N GLN C 18 19.33 -10.82 -0.78
CA GLN C 18 20.00 -11.15 -2.03
C GLN C 18 19.28 -10.52 -3.22
N ALA C 19 18.01 -10.22 -3.05
CA ALA C 19 17.20 -9.63 -4.12
C ALA C 19 17.17 -8.09 -3.99
N GLU C 20 17.83 -7.57 -2.97
CA GLU C 20 17.91 -6.13 -2.71
C GLU C 20 16.54 -5.45 -2.51
N ARG C 21 15.69 -6.11 -1.72
CA ARG C 21 14.35 -5.63 -1.38
C ARG C 21 14.37 -5.54 0.14
N TYR C 22 15.02 -4.49 0.66
CA TYR C 22 15.19 -4.30 2.09
C TYR C 22 13.91 -4.07 2.90
N ASP C 23 12.93 -3.39 2.32
CA ASP C 23 11.67 -3.19 3.02
C ASP C 23 11.20 -4.60 3.40
N ASP C 24 11.16 -5.51 2.41
CA ASP C 24 10.76 -6.90 2.66
C ASP C 24 11.71 -7.52 3.70
N MET C 25 13.00 -7.30 3.54
CA MET C 25 13.96 -7.86 4.50
C MET C 25 13.60 -7.38 5.92
N ALA C 26 13.34 -6.08 6.05
CA ALA C 26 12.95 -5.46 7.32
C ALA C 26 11.66 -6.06 7.90
N ALA C 27 10.66 -6.25 7.05
CA ALA C 27 9.41 -6.84 7.53
C ALA C 27 9.68 -8.24 8.12
N CYS C 28 10.61 -8.98 7.50
CA CYS C 28 10.91 -10.30 8.00
C CYS C 28 11.67 -10.24 9.30
N MET C 29 12.71 -9.42 9.36
CA MET C 29 13.47 -9.36 10.59
C MET C 29 12.66 -8.80 11.73
N LYS C 30 11.64 -8.02 11.38
CA LYS C 30 10.75 -7.45 12.40
C LYS C 30 9.96 -8.58 13.08
N SER C 31 9.38 -9.46 12.27
CA SER C 31 8.61 -10.58 12.80
C SER C 31 9.50 -11.53 13.58
N VAL C 32 10.76 -11.63 13.18
CA VAL C 32 11.68 -12.53 13.87
C VAL C 32 11.90 -12.02 15.28
N THR C 33 12.10 -10.72 15.41
CA THR C 33 12.31 -10.11 16.70
C THR C 33 11.06 -10.24 17.56
N GLU C 34 9.89 -10.09 16.96
CA GLU C 34 8.65 -10.20 17.70
C GLU C 34 8.38 -11.62 18.22
N GLN C 35 9.18 -12.59 17.79
CA GLN C 35 8.99 -13.94 18.28
C GLN C 35 9.43 -14.00 19.75
N GLY C 36 10.20 -13.02 20.18
CA GLY C 36 10.63 -12.98 21.57
C GLY C 36 11.97 -13.60 21.91
N ALA C 37 12.43 -14.55 21.11
CA ALA C 37 13.71 -15.19 21.38
C ALA C 37 14.86 -14.24 21.08
N GLU C 38 15.82 -14.10 22.00
CA GLU C 38 16.94 -13.19 21.74
C GLU C 38 17.55 -13.52 20.38
N LEU C 39 17.94 -12.48 19.65
CA LEU C 39 18.51 -12.65 18.32
C LEU C 39 19.92 -13.22 18.29
N SER C 40 20.17 -14.07 17.31
CA SER C 40 21.49 -14.66 17.15
C SER C 40 22.32 -13.51 16.58
N ASN C 41 23.64 -13.65 16.57
CA ASN C 41 24.49 -12.61 16.03
C ASN C 41 24.14 -12.37 14.57
N GLU C 42 23.84 -13.44 13.85
CA GLU C 42 23.51 -13.33 12.43
C GLU C 42 22.18 -12.61 12.22
N GLU C 43 21.19 -12.95 13.03
CA GLU C 43 19.88 -12.33 12.93
C GLU C 43 20.01 -10.84 13.20
N ARG C 44 20.80 -10.49 14.21
CA ARG C 44 21.03 -9.10 14.57
C ARG C 44 21.57 -8.35 13.34
N ASN C 45 22.57 -8.94 12.69
CA ASN C 45 23.17 -8.33 11.52
C ASN C 45 22.09 -8.13 10.46
N LEU C 46 21.24 -9.14 10.28
CA LEU C 46 20.16 -9.05 9.30
C LEU C 46 19.22 -7.90 9.63
N LEU C 47 18.83 -7.79 10.89
CA LEU C 47 17.95 -6.73 11.33
C LEU C 47 18.58 -5.37 11.04
N SER C 48 19.74 -5.12 11.66
CA SER C 48 20.46 -3.87 11.51
C SER C 48 20.69 -3.45 10.07
N VAL C 49 21.09 -4.41 9.22
CA VAL C 49 21.33 -4.12 7.81
C VAL C 49 20.04 -3.80 7.07
N ALA C 50 18.99 -4.56 7.36
CA ALA C 50 17.71 -4.32 6.71
C ALA C 50 17.23 -2.89 7.03
N TYR C 51 17.22 -2.54 8.30
CA TYR C 51 16.76 -1.21 8.69
C TYR C 51 17.67 -0.08 8.32
N LYS C 52 18.97 -0.34 8.31
CA LYS C 52 19.96 0.67 7.95
C LYS C 52 19.63 1.10 6.53
N ASN C 53 19.27 0.13 5.69
CA ASN C 53 18.92 0.38 4.31
C ASN C 53 17.58 1.08 4.12
N VAL C 54 16.56 0.66 4.87
CA VAL C 54 15.25 1.27 4.77
C VAL C 54 15.22 2.71 5.29
N VAL C 55 15.62 2.95 6.53
CA VAL C 55 15.61 4.32 7.02
C VAL C 55 16.61 5.16 6.24
N GLY C 56 17.78 4.58 5.97
CA GLY C 56 18.82 5.28 5.23
C GLY C 56 18.26 5.91 3.97
N ALA C 57 17.50 5.13 3.23
CA ALA C 57 16.93 5.64 2.00
C ALA C 57 16.09 6.89 2.30
N ARG C 58 15.22 6.82 3.30
CA ARG C 58 14.39 7.98 3.62
C ARG C 58 15.22 9.20 4.04
N ARG C 59 16.10 9.02 5.01
CA ARG C 59 16.92 10.12 5.46
C ARG C 59 17.61 10.81 4.29
N SER C 60 18.20 10.05 3.36
CA SER C 60 18.85 10.67 2.20
C SER C 60 17.83 11.41 1.35
N SER C 61 16.66 10.81 1.16
CA SER C 61 15.64 11.47 0.37
C SER C 61 15.17 12.71 1.08
N TRP C 62 15.14 12.65 2.41
CA TRP C 62 14.71 13.80 3.17
C TRP C 62 15.67 14.96 2.90
N ARG C 63 16.96 14.71 3.10
CA ARG C 63 17.97 15.74 2.86
C ARG C 63 17.83 16.38 1.49
N VAL C 64 17.77 15.57 0.44
CA VAL C 64 17.64 16.11 -0.91
C VAL C 64 16.47 17.06 -1.02
N VAL C 65 15.31 16.63 -0.58
CA VAL C 65 14.14 17.48 -0.68
C VAL C 65 14.26 18.77 0.16
N SER C 66 14.67 18.64 1.42
CA SER C 66 14.83 19.82 2.29
C SER C 66 15.65 20.91 1.61
N SER C 67 16.81 20.54 1.09
CA SER C 67 17.69 21.48 0.40
C SER C 67 17.02 22.16 -0.79
N ILE C 68 16.12 21.44 -1.47
CA ILE C 68 15.42 22.01 -2.63
C ILE C 68 14.23 22.83 -2.16
N GLU C 69 14.00 22.82 -0.86
CA GLU C 69 12.89 23.55 -0.27
C GLU C 69 13.45 24.85 0.34
N GLN C 70 14.72 24.79 0.74
CA GLN C 70 15.39 25.93 1.34
C GLN C 70 15.85 26.84 0.21
N LYS C 71 16.44 26.23 -0.81
CA LYS C 71 16.93 26.97 -1.95
C LYS C 71 15.76 27.46 -2.79
N THR C 72 14.73 27.96 -2.11
CA THR C 72 13.55 28.47 -2.79
C THR C 72 12.51 28.97 -1.78
N GLU C 73 12.97 29.69 -0.76
CA GLU C 73 12.07 30.22 0.26
C GLU C 73 11.14 31.30 -0.30
N GLY C 74 11.35 31.66 -1.56
CA GLY C 74 10.53 32.68 -2.19
C GLY C 74 9.31 32.16 -2.92
N ALA C 75 9.51 31.58 -4.10
CA ALA C 75 8.42 31.04 -4.92
C ALA C 75 7.43 30.22 -4.11
N GLU C 76 6.45 30.87 -3.52
CA GLU C 76 5.41 30.31 -2.64
C GLU C 76 5.13 28.86 -3.01
N LYS C 77 4.38 28.60 -4.09
CA LYS C 77 3.98 27.26 -4.48
C LYS C 77 5.11 26.27 -4.75
N LYS C 78 6.11 26.67 -5.53
CA LYS C 78 7.24 25.78 -5.81
C LYS C 78 7.76 25.18 -4.52
N GLN C 79 8.21 26.05 -3.60
CA GLN C 79 8.73 25.59 -2.32
C GLN C 79 7.67 24.85 -1.52
N GLN C 80 6.40 25.05 -1.87
CA GLN C 80 5.31 24.37 -1.18
C GLN C 80 5.35 22.89 -1.53
N MET C 81 5.24 22.60 -2.82
CA MET C 81 5.27 21.21 -3.30
C MET C 81 6.35 20.40 -2.57
N ALA C 82 7.55 20.96 -2.50
CA ALA C 82 8.67 20.31 -1.84
C ALA C 82 8.42 20.08 -0.35
N ARG C 83 7.64 20.96 0.27
CA ARG C 83 7.34 20.83 1.68
C ARG C 83 6.40 19.65 1.86
N GLU C 84 5.34 19.64 1.07
CA GLU C 84 4.35 18.59 1.12
C GLU C 84 4.94 17.23 0.76
N TYR C 85 6.01 17.24 -0.03
CA TYR C 85 6.66 15.99 -0.40
C TYR C 85 7.61 15.60 0.72
N ARG C 86 8.28 16.60 1.29
CA ARG C 86 9.18 16.35 2.42
C ARG C 86 8.36 15.76 3.56
N GLU C 87 7.24 16.41 3.85
CA GLU C 87 6.39 15.96 4.93
C GLU C 87 5.99 14.49 4.75
N LYS C 88 5.66 14.12 3.52
CA LYS C 88 5.28 12.74 3.22
C LYS C 88 6.46 11.83 3.54
N ILE C 89 7.66 12.25 3.15
CA ILE C 89 8.84 11.45 3.42
C ILE C 89 9.06 11.27 4.92
N GLU C 90 8.86 12.34 5.68
CA GLU C 90 9.01 12.29 7.12
C GLU C 90 8.08 11.26 7.71
N THR C 91 6.83 11.28 7.24
CA THR C 91 5.81 10.36 7.69
C THR C 91 6.28 8.92 7.47
N GLU C 92 6.93 8.66 6.34
CA GLU C 92 7.45 7.33 6.07
C GLU C 92 8.57 7.05 7.10
N LEU C 93 9.41 8.06 7.32
CA LEU C 93 10.54 7.97 8.24
C LEU C 93 10.16 7.69 9.70
N ARG C 94 9.19 8.44 10.25
CA ARG C 94 8.78 8.23 11.64
C ARG C 94 8.21 6.84 11.85
N ASP C 95 7.39 6.39 10.90
CA ASP C 95 6.79 5.06 11.01
C ASP C 95 7.91 4.03 11.19
N ILE C 96 8.95 4.14 10.38
CA ILE C 96 10.06 3.22 10.47
C ILE C 96 10.79 3.34 11.82
N CYS C 97 11.15 4.55 12.21
CA CYS C 97 11.84 4.71 13.48
C CYS C 97 10.96 4.18 14.63
N ASN C 98 9.67 4.48 14.58
CA ASN C 98 8.76 4.03 15.63
C ASN C 98 8.77 2.51 15.74
N ASP C 99 8.74 1.82 14.61
CA ASP C 99 8.79 0.36 14.64
C ASP C 99 10.10 -0.13 15.24
N VAL C 100 11.22 0.45 14.79
CA VAL C 100 12.54 0.05 15.28
C VAL C 100 12.67 0.27 16.78
N LEU C 101 12.40 1.49 17.22
CA LEU C 101 12.50 1.80 18.64
C LEU C 101 11.62 0.86 19.46
N SER C 102 10.47 0.50 18.91
CA SER C 102 9.56 -0.41 19.62
C SER C 102 10.21 -1.79 19.76
N LEU C 103 10.74 -2.32 18.66
CA LEU C 103 11.40 -3.63 18.73
C LEU C 103 12.47 -3.53 19.79
N LEU C 104 13.21 -2.43 19.76
CA LEU C 104 14.31 -2.20 20.69
C LEU C 104 13.87 -2.19 22.15
N GLU C 105 12.80 -1.47 22.47
CA GLU C 105 12.35 -1.40 23.86
C GLU C 105 11.61 -2.64 24.39
N LYS C 106 10.87 -3.34 23.54
CA LYS C 106 10.15 -4.51 24.01
C LYS C 106 10.90 -5.84 23.88
N PHE C 107 11.63 -6.03 22.78
CA PHE C 107 12.33 -7.29 22.60
C PHE C 107 13.86 -7.31 22.67
N LEU C 108 14.52 -6.46 21.89
CA LEU C 108 15.96 -6.43 21.86
C LEU C 108 16.69 -6.03 23.13
N ILE C 109 16.53 -4.79 23.58
CA ILE C 109 17.23 -4.34 24.80
C ILE C 109 16.95 -5.17 26.04
N PRO C 110 15.68 -5.58 26.26
CA PRO C 110 15.41 -6.39 27.44
C PRO C 110 15.95 -7.83 27.33
N ASN C 111 16.30 -8.23 26.11
CA ASN C 111 16.81 -9.58 25.86
C ASN C 111 18.31 -9.74 25.75
N ALA C 112 19.04 -8.64 25.55
CA ALA C 112 20.49 -8.69 25.43
C ALA C 112 21.12 -9.41 26.62
N SER C 113 21.62 -10.63 26.41
CA SER C 113 22.24 -11.37 27.51
C SER C 113 23.74 -11.12 27.56
N GLN C 114 24.23 -10.30 26.64
CA GLN C 114 25.65 -9.95 26.59
C GLN C 114 25.84 -8.45 26.70
N ALA C 115 27.05 -8.03 27.04
CA ALA C 115 27.34 -6.61 27.20
C ALA C 115 27.51 -5.97 25.83
N GLU C 116 28.19 -6.68 24.93
CA GLU C 116 28.43 -6.17 23.59
C GLU C 116 27.13 -5.90 22.83
N SER C 117 26.21 -6.87 22.84
CA SER C 117 24.96 -6.70 22.12
C SER C 117 24.03 -5.67 22.75
N LYS C 118 24.12 -5.51 24.07
CA LYS C 118 23.27 -4.53 24.73
C LYS C 118 23.74 -3.10 24.43
N VAL C 119 25.05 -2.92 24.23
CA VAL C 119 25.58 -1.60 23.90
C VAL C 119 25.13 -1.29 22.46
N PHE C 120 25.11 -2.33 21.62
CA PHE C 120 24.71 -2.22 20.23
C PHE C 120 23.32 -1.64 20.06
N TYR C 121 22.34 -2.30 20.66
CA TYR C 121 20.94 -1.88 20.60
C TYR C 121 20.73 -0.50 21.23
N LEU C 122 21.36 -0.25 22.38
CA LEU C 122 21.25 1.04 23.04
C LEU C 122 21.77 2.08 22.06
N LYS C 123 22.82 1.72 21.33
CA LYS C 123 23.38 2.64 20.35
C LYS C 123 22.33 2.82 19.26
N MET C 124 21.68 1.72 18.91
CA MET C 124 20.64 1.74 17.89
C MET C 124 19.50 2.63 18.37
N LYS C 125 19.14 2.46 19.64
CA LYS C 125 18.08 3.25 20.21
C LYS C 125 18.41 4.73 20.06
N GLY C 126 19.66 5.11 20.32
CA GLY C 126 20.08 6.50 20.20
C GLY C 126 20.04 7.06 18.79
N ASP C 127 20.38 6.22 17.81
CA ASP C 127 20.38 6.65 16.42
C ASP C 127 18.96 6.92 15.93
N TYR C 128 18.04 6.00 16.22
CA TYR C 128 16.66 6.16 15.77
C TYR C 128 15.92 7.30 16.47
N TYR C 129 16.26 7.57 17.73
CA TYR C 129 15.63 8.69 18.40
C TYR C 129 16.23 9.93 17.74
N ARG C 130 17.51 9.81 17.40
CA ARG C 130 18.24 10.88 16.73
C ARG C 130 17.62 11.19 15.38
N TYR C 131 17.22 10.14 14.65
CA TYR C 131 16.61 10.34 13.35
C TYR C 131 15.30 11.07 13.49
N LEU C 132 14.55 10.73 14.53
CA LEU C 132 13.29 11.39 14.77
C LEU C 132 13.58 12.83 15.19
N ALA C 133 14.63 13.03 15.98
CA ALA C 133 15.00 14.38 16.42
C ALA C 133 15.33 15.28 15.22
N GLU C 134 15.87 14.70 14.16
CA GLU C 134 16.23 15.47 12.98
C GLU C 134 15.01 16.00 12.19
N VAL C 135 13.85 15.39 12.37
CA VAL C 135 12.67 15.82 11.63
C VAL C 135 11.49 16.21 12.54
N ALA C 136 11.77 16.34 13.83
CA ALA C 136 10.76 16.70 14.82
C ALA C 136 10.41 18.20 14.86
N ALA C 137 9.16 18.47 15.20
CA ALA C 137 8.67 19.85 15.32
C ALA C 137 9.23 20.41 16.63
N GLY C 138 9.39 21.72 16.70
CA GLY C 138 9.93 22.34 17.91
C GLY C 138 9.33 21.82 19.21
N ASP C 139 8.00 21.85 19.29
CA ASP C 139 7.27 21.41 20.47
C ASP C 139 7.77 20.13 21.15
N ASP C 140 8.04 19.09 20.37
CA ASP C 140 8.50 17.83 20.93
C ASP C 140 9.99 17.52 20.72
N LYS C 141 10.73 18.45 20.12
CA LYS C 141 12.15 18.20 19.86
C LYS C 141 12.93 17.85 21.12
N LYS C 142 12.91 18.71 22.12
CA LYS C 142 13.68 18.41 23.33
C LYS C 142 13.45 17.01 23.89
N GLY C 143 12.20 16.66 24.19
CA GLY C 143 11.90 15.33 24.73
C GLY C 143 12.55 14.24 23.88
N ILE C 144 12.37 14.33 22.57
CA ILE C 144 12.93 13.37 21.65
C ILE C 144 14.45 13.39 21.77
N VAL C 145 15.01 14.59 21.57
CA VAL C 145 16.46 14.81 21.67
C VAL C 145 17.00 14.23 22.98
N ASP C 146 16.16 14.25 24.02
CA ASP C 146 16.52 13.75 25.33
C ASP C 146 16.61 12.23 25.32
N GLN C 147 15.62 11.60 24.70
CA GLN C 147 15.59 10.14 24.60
C GLN C 147 16.86 9.62 23.94
N SER C 148 17.32 10.32 22.91
CA SER C 148 18.51 9.90 22.20
C SER C 148 19.73 9.98 23.09
N GLN C 149 19.92 11.15 23.70
CA GLN C 149 21.06 11.36 24.57
C GLN C 149 21.18 10.31 25.65
N GLN C 150 20.09 10.05 26.33
CA GLN C 150 20.13 9.07 27.41
C GLN C 150 20.50 7.69 26.90
N ALA C 151 20.02 7.34 25.71
CA ALA C 151 20.33 6.03 25.14
C ALA C 151 21.82 5.94 24.78
N TYR C 152 22.35 6.98 24.17
CA TYR C 152 23.77 7.00 23.81
C TYR C 152 24.63 6.96 25.07
N GLN C 153 24.25 7.78 26.05
CA GLN C 153 24.98 7.84 27.32
C GLN C 153 25.11 6.48 28.00
N GLU C 154 23.99 5.81 28.21
CA GLU C 154 23.99 4.51 28.87
C GLU C 154 24.84 3.51 28.12
N ALA C 155 24.74 3.54 26.79
CA ALA C 155 25.49 2.63 25.94
C ALA C 155 26.98 2.96 26.04
N PHE C 156 27.25 4.21 26.37
CA PHE C 156 28.60 4.70 26.52
C PHE C 156 29.19 4.13 27.81
N GLU C 157 28.41 4.18 28.88
CA GLU C 157 28.84 3.69 30.17
C GLU C 157 29.18 2.21 30.14
N ILE C 158 28.29 1.42 29.56
CA ILE C 158 28.49 -0.02 29.48
C ILE C 158 29.68 -0.42 28.59
N SER C 159 29.95 0.33 27.53
CA SER C 159 31.07 0.00 26.66
C SER C 159 32.39 0.48 27.25
N LYS C 160 32.31 1.53 28.06
CA LYS C 160 33.47 2.10 28.72
C LYS C 160 33.84 1.30 29.96
N LYS C 161 33.29 0.09 30.09
CA LYS C 161 33.55 -0.75 31.24
C LYS C 161 33.53 -2.23 30.90
N GLU C 162 33.10 -2.57 29.68
CA GLU C 162 33.02 -3.96 29.26
C GLU C 162 33.71 -4.20 27.94
N MET C 163 34.16 -3.13 27.30
CA MET C 163 34.82 -3.25 26.00
C MET C 163 36.11 -2.43 25.94
N GLN C 164 37.04 -2.85 25.08
CA GLN C 164 38.29 -2.12 24.92
C GLN C 164 38.05 -0.96 23.95
N PRO C 165 38.80 0.14 24.10
CA PRO C 165 38.65 1.30 23.23
C PRO C 165 38.81 0.96 21.75
N THR C 166 39.30 -0.23 21.46
CA THR C 166 39.49 -0.62 20.06
C THR C 166 38.32 -1.41 19.51
N HIS C 167 37.39 -1.81 20.37
CA HIS C 167 36.22 -2.56 19.90
C HIS C 167 35.40 -1.70 18.94
N PRO C 168 35.22 -2.19 17.70
CA PRO C 168 34.46 -1.46 16.69
C PRO C 168 33.15 -0.87 17.20
N ILE C 169 32.33 -1.68 17.87
CA ILE C 169 31.05 -1.20 18.37
C ILE C 169 31.22 -0.02 19.31
N ARG C 170 32.20 -0.08 20.21
CA ARG C 170 32.40 1.05 21.12
C ARG C 170 32.86 2.25 20.30
N LEU C 171 33.78 2.03 19.37
CA LEU C 171 34.25 3.12 18.54
C LEU C 171 33.06 3.65 17.73
N GLY C 172 32.23 2.73 17.27
CA GLY C 172 31.06 3.12 16.49
C GLY C 172 30.13 3.96 17.35
N LEU C 173 29.99 3.58 18.62
CA LEU C 173 29.15 4.34 19.52
C LEU C 173 29.71 5.74 19.73
N ALA C 174 31.03 5.83 19.89
CA ALA C 174 31.69 7.10 20.09
C ALA C 174 31.47 8.01 18.87
N LEU C 175 31.61 7.41 17.69
CA LEU C 175 31.40 8.15 16.45
C LEU C 175 30.02 8.82 16.44
N ASN C 176 28.97 8.01 16.42
CA ASN C 176 27.62 8.53 16.37
C ASN C 176 27.20 9.40 17.56
N PHE C 177 27.68 9.06 18.75
CA PHE C 177 27.33 9.85 19.91
C PHE C 177 27.92 11.24 19.67
N SER C 178 29.14 11.30 19.15
CA SER C 178 29.78 12.58 18.89
C SER C 178 29.02 13.32 17.80
N VAL C 179 28.55 12.59 16.80
CA VAL C 179 27.81 13.24 15.73
C VAL C 179 26.56 13.84 16.35
N PHE C 180 26.00 13.12 17.33
CA PHE C 180 24.79 13.56 18.03
C PHE C 180 24.99 14.95 18.67
N TYR C 181 26.02 15.09 19.50
CA TYR C 181 26.33 16.36 20.16
C TYR C 181 26.52 17.50 19.17
N TYR C 182 27.28 17.23 18.11
CA TYR C 182 27.58 18.22 17.09
C TYR C 182 26.39 18.63 16.25
N GLU C 183 25.75 17.65 15.61
CA GLU C 183 24.61 17.93 14.75
C GLU C 183 23.29 18.22 15.44
N ILE C 184 23.01 17.50 16.53
CA ILE C 184 21.75 17.66 17.23
C ILE C 184 21.77 18.66 18.39
N LEU C 185 22.72 18.52 19.32
CA LEU C 185 22.82 19.46 20.44
C LEU C 185 23.66 20.67 20.05
N ASN C 186 23.92 20.80 18.76
CA ASN C 186 24.71 21.89 18.22
C ASN C 186 25.82 22.36 19.16
N SER C 187 26.49 21.42 19.83
CA SER C 187 27.57 21.77 20.73
C SER C 187 28.86 21.09 20.26
N PRO C 188 29.57 21.75 19.33
CA PRO C 188 30.83 21.25 18.76
C PRO C 188 31.91 20.92 19.79
N GLU C 189 31.80 21.50 20.97
CA GLU C 189 32.78 21.25 22.02
C GLU C 189 32.70 19.80 22.49
N LYS C 190 31.57 19.42 23.08
CA LYS C 190 31.38 18.05 23.57
C LYS C 190 31.62 17.04 22.44
N ALA C 191 31.40 17.47 21.22
CA ALA C 191 31.56 16.61 20.06
C ALA C 191 33.02 16.20 19.83
N CYS C 192 33.89 17.20 19.68
CA CYS C 192 35.31 16.94 19.45
C CYS C 192 35.93 16.19 20.62
N SER C 193 35.65 16.65 21.83
CA SER C 193 36.19 16.01 23.02
C SER C 193 36.02 14.49 22.97
N LEU C 194 34.77 14.05 23.13
CA LEU C 194 34.44 12.63 23.11
C LEU C 194 35.06 11.86 21.96
N ALA C 195 34.94 12.38 20.75
CA ALA C 195 35.50 11.71 19.58
C ALA C 195 37.01 11.59 19.67
N LYS C 196 37.69 12.71 19.90
CA LYS C 196 39.14 12.68 19.98
C LYS C 196 39.57 11.56 20.92
N THR C 197 38.90 11.51 22.07
CA THR C 197 39.19 10.50 23.08
C THR C 197 39.11 9.08 22.55
N ALA C 198 37.94 8.72 22.03
CA ALA C 198 37.72 7.37 21.51
C ALA C 198 38.78 7.01 20.48
N PHE C 199 39.36 8.03 19.87
CA PHE C 199 40.39 7.82 18.87
C PHE C 199 41.73 7.52 19.54
N ASP C 200 42.08 8.31 20.54
CA ASP C 200 43.33 8.12 21.24
C ASP C 200 43.33 6.83 22.06
N GLU C 201 42.31 6.64 22.88
CA GLU C 201 42.22 5.43 23.69
C GLU C 201 42.33 4.20 22.81
N ALA C 202 41.97 4.35 21.54
CA ALA C 202 42.03 3.24 20.60
C ALA C 202 43.46 3.11 20.11
N ILE C 203 44.09 4.24 19.81
CA ILE C 203 45.47 4.26 19.33
C ILE C 203 46.36 3.44 20.27
N ALA C 204 46.32 3.78 21.55
CA ALA C 204 47.12 3.12 22.57
C ALA C 204 47.05 1.59 22.57
N GLU C 205 45.95 1.02 22.07
CA GLU C 205 45.80 -0.42 22.05
C GLU C 205 45.85 -0.97 20.65
N LEU C 206 46.25 -0.14 19.70
CA LEU C 206 46.31 -0.54 18.30
C LEU C 206 47.21 -1.76 18.07
N ASP C 207 48.51 -1.57 18.28
CA ASP C 207 49.48 -2.64 18.09
C ASP C 207 49.07 -3.96 18.73
N THR C 208 48.25 -3.88 19.78
CA THR C 208 47.78 -5.07 20.49
C THR C 208 46.57 -5.69 19.79
N LEU C 209 45.82 -4.86 19.08
CA LEU C 209 44.63 -5.33 18.37
C LEU C 209 44.98 -6.50 17.47
N SER C 210 44.04 -7.44 17.34
CA SER C 210 44.23 -8.61 16.50
C SER C 210 43.51 -8.37 15.19
N GLU C 211 43.86 -9.13 14.15
CA GLU C 211 43.24 -8.98 12.84
C GLU C 211 41.72 -8.99 12.94
N GLU C 212 41.22 -9.49 14.06
CA GLU C 212 39.78 -9.56 14.31
C GLU C 212 39.27 -8.12 14.48
N SER C 213 40.16 -7.18 14.18
CA SER C 213 39.85 -5.75 14.28
C SER C 213 40.83 -4.92 13.46
N TYR C 214 42.00 -5.49 13.18
CA TYR C 214 43.04 -4.80 12.41
C TYR C 214 42.46 -3.77 11.46
N LYS C 215 41.54 -4.21 10.61
CA LYS C 215 40.91 -3.32 9.66
C LYS C 215 39.58 -2.79 10.21
N ASP C 216 38.89 -3.62 10.97
CA ASP C 216 37.60 -3.25 11.55
C ASP C 216 37.65 -1.98 12.38
N SER C 217 38.46 -1.99 13.43
CA SER C 217 38.59 -0.85 14.32
C SER C 217 39.06 0.40 13.58
N THR C 218 40.12 0.26 12.79
CA THR C 218 40.67 1.38 12.04
C THR C 218 39.65 2.05 11.12
N LEU C 219 38.84 1.25 10.44
CA LEU C 219 37.84 1.81 9.52
C LEU C 219 36.94 2.81 10.25
N ILE C 220 36.69 2.57 11.52
CA ILE C 220 35.87 3.46 12.33
C ILE C 220 36.72 4.58 12.86
N MET C 221 37.99 4.29 13.12
CA MET C 221 38.92 5.30 13.63
C MET C 221 39.14 6.39 12.58
N GLN C 222 39.29 5.99 11.32
CA GLN C 222 39.51 6.98 10.26
C GLN C 222 38.31 7.92 10.18
N LEU C 223 37.12 7.36 10.40
CA LEU C 223 35.89 8.13 10.39
C LEU C 223 35.95 9.16 11.52
N LEU C 224 36.32 8.68 12.71
CA LEU C 224 36.45 9.56 13.86
C LEU C 224 37.36 10.73 13.52
N ARG C 225 38.44 10.46 12.76
CA ARG C 225 39.38 11.51 12.40
C ARG C 225 38.80 12.40 11.31
N ASP C 226 38.18 11.79 10.30
CA ASP C 226 37.58 12.57 9.22
C ASP C 226 36.62 13.59 9.83
N ASN C 227 35.75 13.12 10.71
CA ASN C 227 34.78 14.00 11.36
C ASN C 227 35.48 15.11 12.12
N LEU C 228 36.33 14.73 13.06
CA LEU C 228 37.06 15.69 13.87
C LEU C 228 37.78 16.71 12.98
N THR C 229 38.38 16.23 11.90
CA THR C 229 39.09 17.11 10.96
C THR C 229 38.13 18.15 10.38
N LEU C 230 36.94 17.71 9.99
CA LEU C 230 35.95 18.61 9.43
C LEU C 230 35.35 19.54 10.48
N TRP C 231 35.21 19.06 11.72
CA TRP C 231 34.66 19.89 12.80
C TRP C 231 35.75 20.83 13.30
N THR C 232 36.71 21.11 12.42
CA THR C 232 37.83 21.98 12.74
C THR C 232 38.04 22.99 11.61
N SER C 233 38.35 22.48 10.42
CA SER C 233 38.60 23.33 9.26
C SER C 233 37.43 24.28 9.01
N GLY D 1 -2.27 -6.84 -25.88
CA GLY D 1 -2.45 -7.42 -27.25
C GLY D 1 -2.53 -8.92 -27.16
N SER D 2 -2.12 -9.42 -25.99
CA SER D 2 -2.12 -10.83 -25.65
C SER D 2 -1.78 -10.96 -24.17
N HIS D 3 -1.51 -9.83 -23.51
CA HIS D 3 -1.16 -9.83 -22.09
C HIS D 3 -2.34 -9.75 -21.11
N MET D 4 -3.48 -9.24 -21.56
CA MET D 4 -4.64 -9.18 -20.68
C MET D 4 -6.00 -9.30 -21.35
N ASP D 5 -6.73 -10.32 -20.91
CA ASP D 5 -8.05 -10.65 -21.42
C ASP D 5 -9.17 -9.87 -20.72
N LYS D 6 -9.80 -8.98 -21.47
CA LYS D 6 -10.89 -8.14 -20.98
C LYS D 6 -11.99 -8.93 -20.27
N ASN D 7 -12.41 -10.06 -20.85
CA ASN D 7 -13.45 -10.88 -20.25
C ASN D 7 -13.05 -11.42 -18.88
N GLU D 8 -11.81 -11.85 -18.72
CA GLU D 8 -11.39 -12.36 -17.41
C GLU D 8 -11.38 -11.26 -16.35
N LEU D 9 -11.12 -10.03 -16.76
CA LEU D 9 -11.12 -8.91 -15.82
C LEU D 9 -12.55 -8.66 -15.33
N VAL D 10 -13.52 -8.72 -16.24
CA VAL D 10 -14.91 -8.50 -15.90
C VAL D 10 -15.34 -9.57 -14.87
N GLN D 11 -14.95 -10.81 -15.10
CA GLN D 11 -15.29 -11.87 -14.17
C GLN D 11 -14.58 -11.57 -12.85
N LYS D 12 -13.35 -11.06 -12.95
CA LYS D 12 -12.59 -10.70 -11.75
C LYS D 12 -13.39 -9.62 -11.03
N ALA D 13 -13.89 -8.65 -11.79
CA ALA D 13 -14.69 -7.57 -11.24
C ALA D 13 -15.97 -8.05 -10.53
N LYS D 14 -16.69 -8.99 -11.16
CA LYS D 14 -17.94 -9.51 -10.57
C LYS D 14 -17.65 -10.34 -9.34
N LEU D 15 -16.55 -11.08 -9.38
CA LEU D 15 -16.18 -11.87 -8.23
C LEU D 15 -16.01 -10.87 -7.07
N ALA D 16 -15.15 -9.86 -7.27
CA ALA D 16 -14.89 -8.84 -6.25
C ALA D 16 -16.16 -8.20 -5.70
N GLU D 17 -17.13 -7.94 -6.56
CA GLU D 17 -18.37 -7.36 -6.09
C GLU D 17 -19.02 -8.32 -5.09
N GLN D 18 -19.16 -9.59 -5.46
CA GLN D 18 -19.78 -10.58 -4.59
C GLN D 18 -19.12 -10.64 -3.24
N ALA D 19 -17.82 -10.41 -3.21
CA ALA D 19 -17.06 -10.43 -1.97
C ALA D 19 -17.03 -9.04 -1.33
N GLU D 20 -17.73 -8.10 -1.95
CA GLU D 20 -17.78 -6.75 -1.44
C GLU D 20 -16.40 -6.12 -1.21
N ARG D 21 -15.56 -6.22 -2.23
CA ARG D 21 -14.21 -5.66 -2.20
C ARG D 21 -14.22 -4.70 -3.39
N TYR D 22 -14.86 -3.56 -3.20
CA TYR D 22 -15.03 -2.60 -4.26
C TYR D 22 -13.78 -1.95 -4.84
N ASP D 23 -12.76 -1.74 -4.03
CA ASP D 23 -11.51 -1.19 -4.55
C ASP D 23 -10.97 -2.19 -5.57
N ASP D 24 -10.93 -3.48 -5.22
CA ASP D 24 -10.46 -4.50 -6.17
C ASP D 24 -11.38 -4.41 -7.38
N MET D 25 -12.68 -4.29 -7.10
CA MET D 25 -13.66 -4.21 -8.16
C MET D 25 -13.43 -3.03 -9.08
N ALA D 26 -13.10 -1.87 -8.50
CA ALA D 26 -12.84 -0.67 -9.32
C ALA D 26 -11.58 -0.85 -10.15
N ALA D 27 -10.52 -1.40 -9.55
CA ALA D 27 -9.30 -1.63 -10.30
C ALA D 27 -9.58 -2.52 -11.51
N CYS D 28 -10.42 -3.55 -11.35
CA CYS D 28 -10.75 -4.40 -12.48
C CYS D 28 -11.48 -3.62 -13.57
N MET D 29 -12.56 -2.95 -13.21
CA MET D 29 -13.28 -2.17 -14.22
C MET D 29 -12.43 -1.06 -14.86
N LYS D 30 -11.43 -0.55 -14.12
CA LYS D 30 -10.55 0.47 -14.70
C LYS D 30 -9.79 -0.22 -15.83
N SER D 31 -9.24 -1.40 -15.53
CA SER D 31 -8.54 -2.16 -16.56
C SER D 31 -9.47 -2.46 -17.74
N VAL D 32 -10.73 -2.81 -17.47
CA VAL D 32 -11.64 -3.10 -18.56
C VAL D 32 -11.83 -1.90 -19.47
N THR D 33 -12.02 -0.73 -18.87
CA THR D 33 -12.22 0.49 -19.64
C THR D 33 -10.99 0.83 -20.49
N GLU D 34 -9.81 0.67 -19.92
CA GLU D 34 -8.57 0.98 -20.65
C GLU D 34 -8.35 0.07 -21.85
N GLN D 35 -9.09 -1.04 -21.89
CA GLN D 35 -8.96 -1.97 -23.00
C GLN D 35 -9.44 -1.31 -24.30
N GLY D 36 -10.01 -0.11 -24.16
CA GLY D 36 -10.45 0.67 -25.32
C GLY D 36 -11.78 0.46 -25.99
N ALA D 37 -12.55 -0.53 -25.55
CA ALA D 37 -13.83 -0.81 -26.17
C ALA D 37 -14.96 -0.07 -25.49
N GLU D 38 -15.95 0.38 -26.26
CA GLU D 38 -17.11 1.03 -25.66
C GLU D 38 -17.65 -0.06 -24.74
N LEU D 39 -18.11 0.32 -23.55
CA LEU D 39 -18.60 -0.65 -22.60
C LEU D 39 -19.98 -1.20 -22.91
N SER D 40 -20.25 -2.41 -22.44
CA SER D 40 -21.56 -3.03 -22.62
C SER D 40 -22.44 -2.47 -21.52
N ASN D 41 -23.71 -2.83 -21.52
CA ASN D 41 -24.64 -2.33 -20.51
C ASN D 41 -24.24 -2.87 -19.15
N GLU D 42 -23.82 -4.13 -19.13
CA GLU D 42 -23.41 -4.78 -17.89
C GLU D 42 -22.12 -4.16 -17.36
N GLU D 43 -21.12 -4.03 -18.22
CA GLU D 43 -19.83 -3.47 -17.87
C GLU D 43 -19.95 -2.05 -17.33
N ARG D 44 -20.84 -1.26 -17.90
CA ARG D 44 -21.02 0.11 -17.45
C ARG D 44 -21.55 0.11 -16.02
N ASN D 45 -22.51 -0.78 -15.76
CA ASN D 45 -23.08 -0.87 -14.44
C ASN D 45 -21.98 -1.25 -13.44
N LEU D 46 -21.17 -2.24 -13.78
CA LEU D 46 -20.08 -2.69 -12.92
C LEU D 46 -19.09 -1.59 -12.58
N LEU D 47 -18.87 -0.70 -13.54
CA LEU D 47 -17.94 0.41 -13.36
C LEU D 47 -18.47 1.46 -12.39
N SER D 48 -19.68 1.95 -12.66
CA SER D 48 -20.27 2.97 -11.82
C SER D 48 -20.55 2.41 -10.43
N VAL D 49 -20.97 1.16 -10.35
CA VAL D 49 -21.22 0.59 -9.03
C VAL D 49 -19.95 0.63 -8.19
N ALA D 50 -18.88 0.09 -8.78
CA ALA D 50 -17.59 0.04 -8.11
C ALA D 50 -17.09 1.42 -7.70
N TYR D 51 -17.10 2.38 -8.61
CA TYR D 51 -16.61 3.70 -8.24
C TYR D 51 -17.54 4.43 -7.33
N LYS D 52 -18.84 4.16 -7.43
CA LYS D 52 -19.81 4.81 -6.56
C LYS D 52 -19.48 4.38 -5.12
N ASN D 53 -19.17 3.09 -4.95
CA ASN D 53 -18.84 2.57 -3.63
C ASN D 53 -17.47 3.04 -3.16
N VAL D 54 -16.49 3.06 -4.05
CA VAL D 54 -15.15 3.48 -3.68
C VAL D 54 -15.09 4.98 -3.29
N VAL D 55 -15.63 5.86 -4.12
CA VAL D 55 -15.59 7.29 -3.80
C VAL D 55 -16.63 7.64 -2.72
N GLY D 56 -17.71 6.87 -2.70
CA GLY D 56 -18.78 7.10 -1.72
C GLY D 56 -18.27 7.02 -0.30
N ALA D 57 -17.52 5.97 -0.01
CA ALA D 57 -16.97 5.77 1.32
C ALA D 57 -16.06 6.95 1.72
N ARG D 58 -15.30 7.47 0.76
CA ARG D 58 -14.41 8.59 1.03
C ARG D 58 -15.17 9.90 1.27
N ARG D 59 -16.11 10.20 0.38
CA ARG D 59 -16.91 11.42 0.55
C ARG D 59 -17.53 11.33 1.93
N SER D 60 -18.09 10.17 2.23
CA SER D 60 -18.74 9.97 3.52
C SER D 60 -17.80 10.21 4.69
N SER D 61 -16.58 9.66 4.62
CA SER D 61 -15.60 9.84 5.69
C SER D 61 -15.12 11.27 5.72
N TRP D 62 -15.01 11.86 4.52
CA TRP D 62 -14.57 13.24 4.40
C TRP D 62 -15.49 14.12 5.24
N ARG D 63 -16.79 13.90 5.11
CA ARG D 63 -17.79 14.67 5.84
C ARG D 63 -17.77 14.39 7.33
N VAL D 64 -17.70 13.12 7.73
CA VAL D 64 -17.67 12.78 9.14
C VAL D 64 -16.51 13.48 9.83
N VAL D 65 -15.36 13.49 9.17
CA VAL D 65 -14.17 14.09 9.74
C VAL D 65 -14.20 15.61 9.64
N SER D 66 -14.74 16.14 8.56
CA SER D 66 -14.82 17.60 8.41
C SER D 66 -15.69 18.13 9.54
N SER D 67 -16.89 17.58 9.67
CA SER D 67 -17.83 18.00 10.72
C SER D 67 -17.23 17.88 12.11
N ILE D 68 -16.33 16.92 12.31
CA ILE D 68 -15.71 16.75 13.62
C ILE D 68 -14.52 17.69 13.73
N GLU D 69 -14.02 18.13 12.58
CA GLU D 69 -12.91 19.06 12.53
C GLU D 69 -13.38 20.43 12.99
N GLN D 70 -14.70 20.57 13.07
CA GLN D 70 -15.29 21.82 13.50
C GLN D 70 -15.60 21.77 15.00
N LYS D 71 -16.33 20.74 15.42
CA LYS D 71 -16.68 20.57 16.82
C LYS D 71 -15.44 20.60 17.71
N THR D 72 -14.30 20.88 17.10
CA THR D 72 -13.03 20.96 17.80
C THR D 72 -12.57 22.42 17.88
N GLU D 73 -11.75 22.86 16.93
CA GLU D 73 -11.25 24.22 16.82
C GLU D 73 -10.58 24.66 18.12
N GLY D 74 -11.32 24.72 19.22
CA GLY D 74 -10.79 25.16 20.50
C GLY D 74 -9.55 24.38 20.93
N ALA D 75 -9.47 23.14 20.46
CA ALA D 75 -8.34 22.28 20.77
C ALA D 75 -7.43 22.23 19.55
N GLU D 76 -6.59 23.26 19.41
CA GLU D 76 -5.65 23.35 18.28
C GLU D 76 -4.88 22.06 18.05
N LYS D 77 -4.64 21.30 19.12
CA LYS D 77 -3.91 20.04 19.02
C LYS D 77 -4.78 19.00 18.32
N LYS D 78 -5.98 18.78 18.88
CA LYS D 78 -6.90 17.82 18.29
C LYS D 78 -7.30 18.31 16.90
N GLN D 79 -7.42 19.62 16.76
CA GLN D 79 -7.81 20.22 15.49
C GLN D 79 -6.82 19.88 14.39
N GLN D 80 -5.54 19.84 14.74
CA GLN D 80 -4.51 19.51 13.76
C GLN D 80 -4.60 18.01 13.41
N MET D 81 -4.85 17.18 14.42
CA MET D 81 -4.99 15.76 14.19
C MET D 81 -6.16 15.56 13.22
N ALA D 82 -7.29 16.23 13.51
CA ALA D 82 -8.46 16.13 12.65
C ALA D 82 -8.18 16.65 11.23
N ARG D 83 -7.59 17.83 11.15
CA ARG D 83 -7.28 18.43 9.86
C ARG D 83 -6.40 17.55 8.98
N GLU D 84 -5.34 17.00 9.56
CA GLU D 84 -4.44 16.15 8.80
C GLU D 84 -5.17 14.89 8.33
N TYR D 85 -5.99 14.32 9.20
CA TYR D 85 -6.74 13.13 8.83
C TYR D 85 -7.68 13.48 7.67
N ARG D 86 -8.18 14.71 7.67
CA ARG D 86 -9.07 15.15 6.60
C ARG D 86 -8.33 15.27 5.29
N GLU D 87 -7.12 15.82 5.34
CA GLU D 87 -6.34 15.99 4.14
C GLU D 87 -5.95 14.62 3.55
N LYS D 88 -5.57 13.68 4.43
CA LYS D 88 -5.24 12.33 4.00
C LYS D 88 -6.43 11.78 3.19
N ILE D 89 -7.63 11.84 3.77
CA ILE D 89 -8.83 11.37 3.09
C ILE D 89 -9.03 12.10 1.78
N GLU D 90 -8.77 13.40 1.77
CA GLU D 90 -8.93 14.21 0.56
C GLU D 90 -8.02 13.73 -0.54
N THR D 91 -6.80 13.38 -0.18
CA THR D 91 -5.85 12.91 -1.17
C THR D 91 -6.36 11.62 -1.81
N GLU D 92 -6.91 10.72 -1.01
CA GLU D 92 -7.48 9.48 -1.56
C GLU D 92 -8.63 9.83 -2.49
N LEU D 93 -9.55 10.65 -1.96
CA LEU D 93 -10.72 11.04 -2.71
C LEU D 93 -10.35 11.68 -4.04
N ARG D 94 -9.38 12.59 -3.99
CA ARG D 94 -8.94 13.31 -5.17
C ARG D 94 -8.29 12.39 -6.21
N ASP D 95 -7.59 11.35 -5.74
CA ASP D 95 -6.96 10.37 -6.62
C ASP D 95 -8.03 9.56 -7.35
N ILE D 96 -9.04 9.11 -6.62
CA ILE D 96 -10.11 8.33 -7.25
C ILE D 96 -10.80 9.15 -8.35
N CYS D 97 -11.31 10.33 -8.01
CA CYS D 97 -11.98 11.19 -9.01
C CYS D 97 -11.07 11.45 -10.21
N ASN D 98 -9.78 11.63 -9.96
CA ASN D 98 -8.86 11.88 -11.05
C ASN D 98 -8.84 10.70 -12.01
N ASP D 99 -8.80 9.50 -11.48
CA ASP D 99 -8.79 8.33 -12.35
C ASP D 99 -10.08 8.20 -13.14
N VAL D 100 -11.21 8.35 -12.47
CA VAL D 100 -12.49 8.20 -13.14
C VAL D 100 -12.61 9.28 -14.20
N LEU D 101 -12.32 10.52 -13.83
CA LEU D 101 -12.41 11.61 -14.79
C LEU D 101 -11.55 11.33 -16.02
N SER D 102 -10.37 10.74 -15.79
CA SER D 102 -9.46 10.39 -16.87
C SER D 102 -10.10 9.31 -17.77
N LEU D 103 -10.66 8.26 -17.17
CA LEU D 103 -11.33 7.19 -17.94
C LEU D 103 -12.48 7.77 -18.77
N LEU D 104 -13.27 8.64 -18.15
CA LEU D 104 -14.40 9.24 -18.84
C LEU D 104 -14.00 10.17 -19.98
N GLU D 105 -13.06 11.08 -19.73
CA GLU D 105 -12.61 12.03 -20.75
C GLU D 105 -11.78 11.40 -21.87
N LYS D 106 -11.07 10.32 -21.57
CA LYS D 106 -10.24 9.68 -22.57
C LYS D 106 -10.81 8.47 -23.29
N PHE D 107 -11.39 7.54 -22.56
CA PHE D 107 -11.94 6.34 -23.21
C PHE D 107 -13.46 6.28 -23.35
N LEU D 108 -14.18 6.43 -22.24
CA LEU D 108 -15.62 6.34 -22.22
C LEU D 108 -16.42 7.35 -23.04
N ILE D 109 -16.49 8.61 -22.59
CA ILE D 109 -17.26 9.62 -23.29
C ILE D 109 -17.05 9.73 -24.79
N PRO D 110 -15.78 9.79 -25.25
CA PRO D 110 -15.43 9.90 -26.67
C PRO D 110 -15.99 8.78 -27.54
N ASN D 111 -15.99 7.56 -27.01
CA ASN D 111 -16.47 6.40 -27.76
C ASN D 111 -17.87 5.97 -27.35
N ALA D 112 -18.69 6.93 -26.94
CA ALA D 112 -20.06 6.63 -26.53
C ALA D 112 -20.98 6.88 -27.73
N SER D 113 -21.42 5.80 -28.38
CA SER D 113 -22.30 5.91 -29.53
C SER D 113 -23.73 6.25 -29.11
N GLN D 114 -24.46 5.25 -28.62
CA GLN D 114 -25.83 5.42 -28.17
C GLN D 114 -25.90 6.64 -27.24
N ALA D 115 -26.92 7.47 -27.44
CA ALA D 115 -27.08 8.68 -26.63
C ALA D 115 -27.35 8.41 -25.15
N GLU D 116 -27.68 7.17 -24.81
CA GLU D 116 -27.95 6.85 -23.42
C GLU D 116 -26.65 6.90 -22.60
N SER D 117 -25.67 6.09 -22.98
CA SER D 117 -24.39 6.05 -22.29
C SER D 117 -23.72 7.43 -22.22
N LYS D 118 -23.63 8.09 -23.37
CA LYS D 118 -23.03 9.42 -23.45
C LYS D 118 -23.58 10.32 -22.36
N VAL D 119 -24.89 10.29 -22.15
CA VAL D 119 -25.50 11.11 -21.09
C VAL D 119 -25.04 10.58 -19.74
N PHE D 120 -25.02 9.25 -19.61
CA PHE D 120 -24.61 8.60 -18.37
C PHE D 120 -23.15 8.96 -18.01
N TYR D 121 -22.26 8.98 -19.00
CA TYR D 121 -20.87 9.33 -18.75
C TYR D 121 -20.77 10.83 -18.51
N LEU D 122 -21.41 11.62 -19.37
CA LEU D 122 -21.37 13.07 -19.21
C LEU D 122 -21.85 13.43 -17.81
N LYS D 123 -22.83 12.70 -17.30
CA LYS D 123 -23.35 12.96 -15.96
C LYS D 123 -22.30 12.58 -14.91
N MET D 124 -21.74 11.37 -15.04
CA MET D 124 -20.69 10.91 -14.14
C MET D 124 -19.59 11.97 -14.05
N LYS D 125 -19.33 12.60 -15.18
CA LYS D 125 -18.31 13.64 -15.29
C LYS D 125 -18.66 14.79 -14.37
N GLY D 126 -19.91 15.26 -14.46
CA GLY D 126 -20.32 16.38 -13.62
C GLY D 126 -20.26 15.99 -12.16
N ASP D 127 -20.64 14.75 -11.88
CA ASP D 127 -20.63 14.25 -10.52
C ASP D 127 -19.22 14.21 -9.93
N TYR D 128 -18.27 13.66 -10.68
CA TYR D 128 -16.92 13.57 -10.17
C TYR D 128 -16.20 14.90 -10.06
N TYR D 129 -16.50 15.81 -10.96
CA TYR D 129 -15.91 17.13 -10.84
C TYR D 129 -16.55 17.77 -9.61
N ARG D 130 -17.85 17.48 -9.39
CA ARG D 130 -18.57 18.02 -8.24
C ARG D 130 -17.92 17.56 -6.94
N TYR D 131 -17.53 16.29 -6.91
CA TYR D 131 -16.86 15.74 -5.73
C TYR D 131 -15.56 16.50 -5.49
N LEU D 132 -14.86 16.82 -6.58
CA LEU D 132 -13.62 17.60 -6.47
C LEU D 132 -13.93 19.01 -5.98
N ALA D 133 -15.01 19.60 -6.48
CA ALA D 133 -15.39 20.94 -6.07
C ALA D 133 -15.62 21.05 -4.56
N GLU D 134 -16.15 19.98 -3.97
CA GLU D 134 -16.43 19.96 -2.53
C GLU D 134 -15.18 19.98 -1.68
N VAL D 135 -14.08 19.44 -2.20
CA VAL D 135 -12.85 19.40 -1.43
C VAL D 135 -11.78 20.33 -2.00
N ALA D 136 -12.15 21.17 -2.96
CA ALA D 136 -11.18 22.09 -3.54
C ALA D 136 -11.00 23.35 -2.69
N ALA D 137 -9.94 24.10 -2.97
CA ALA D 137 -9.65 25.34 -2.27
C ALA D 137 -10.18 26.49 -3.13
N GLY D 138 -10.38 27.66 -2.51
CA GLY D 138 -10.88 28.81 -3.27
C GLY D 138 -10.16 28.99 -4.59
N ASP D 139 -8.84 29.01 -4.51
CA ASP D 139 -7.98 29.18 -5.67
C ASP D 139 -8.53 28.54 -6.93
N ASP D 140 -8.42 27.22 -7.01
CA ASP D 140 -8.85 26.47 -8.19
C ASP D 140 -10.26 25.91 -8.11
N LYS D 141 -11.02 26.26 -7.07
CA LYS D 141 -12.38 25.76 -6.93
C LYS D 141 -13.33 26.21 -8.03
N LYS D 142 -13.21 27.48 -8.42
CA LYS D 142 -14.08 28.03 -9.45
C LYS D 142 -14.01 27.25 -10.76
N GLY D 143 -12.80 27.13 -11.30
CA GLY D 143 -12.61 26.41 -12.54
C GLY D 143 -13.14 25.00 -12.48
N ILE D 144 -12.90 24.33 -11.36
CA ILE D 144 -13.36 22.95 -11.18
C ILE D 144 -14.89 22.92 -11.28
N VAL D 145 -15.56 23.77 -10.50
CA VAL D 145 -17.02 23.88 -10.50
C VAL D 145 -17.51 24.13 -11.92
N ASP D 146 -16.77 24.97 -12.64
CA ASP D 146 -17.09 25.34 -14.02
C ASP D 146 -17.07 24.08 -14.89
N GLN D 147 -16.26 23.10 -14.49
CA GLN D 147 -16.17 21.85 -15.21
C GLN D 147 -17.36 20.95 -14.89
N SER D 148 -17.80 20.97 -13.63
CA SER D 148 -18.93 20.18 -13.21
C SER D 148 -20.18 20.62 -13.98
N GLN D 149 -20.47 21.90 -13.88
CA GLN D 149 -21.62 22.49 -14.56
C GLN D 149 -21.66 22.27 -16.06
N GLN D 150 -20.53 22.39 -16.73
CA GLN D 150 -20.51 22.19 -18.18
C GLN D 150 -20.86 20.76 -18.54
N ALA D 151 -20.28 19.80 -17.83
CA ALA D 151 -20.55 18.40 -18.11
C ALA D 151 -22.03 18.04 -17.90
N TYR D 152 -22.61 18.53 -16.81
CA TYR D 152 -24.02 18.27 -16.51
C TYR D 152 -24.88 18.91 -17.62
N GLN D 153 -24.61 20.20 -17.84
CA GLN D 153 -25.31 21.01 -18.83
C GLN D 153 -25.48 20.34 -20.17
N GLU D 154 -24.38 19.85 -20.74
CA GLU D 154 -24.47 19.19 -22.03
C GLU D 154 -25.24 17.88 -21.91
N ALA D 155 -25.09 17.21 -20.76
CA ALA D 155 -25.78 15.96 -20.54
C ALA D 155 -27.28 16.25 -20.45
N PHE D 156 -27.62 17.37 -19.82
CA PHE D 156 -29.01 17.79 -19.66
C PHE D 156 -29.65 18.03 -21.02
N GLU D 157 -28.85 18.53 -21.96
CA GLU D 157 -29.33 18.80 -23.31
C GLU D 157 -29.67 17.47 -23.99
N ILE D 158 -28.64 16.72 -24.36
CA ILE D 158 -28.81 15.43 -25.03
C ILE D 158 -30.00 14.66 -24.47
N SER D 159 -30.14 14.65 -23.15
CA SER D 159 -31.24 13.94 -22.50
C SER D 159 -32.57 14.53 -22.94
N LYS D 160 -32.76 15.83 -22.71
CA LYS D 160 -33.99 16.50 -23.08
C LYS D 160 -34.03 16.68 -24.58
N LYS D 161 -33.80 15.60 -25.30
CA LYS D 161 -33.80 15.61 -26.76
C LYS D 161 -33.56 14.19 -27.27
N GLU D 162 -33.50 13.25 -26.34
CA GLU D 162 -33.25 11.86 -26.69
C GLU D 162 -33.82 10.88 -25.67
N MET D 163 -34.05 11.38 -24.46
CA MET D 163 -34.58 10.54 -23.41
C MET D 163 -35.88 11.11 -22.88
N GLN D 164 -36.80 10.22 -22.51
CA GLN D 164 -38.08 10.65 -21.99
C GLN D 164 -37.90 11.13 -20.55
N PRO D 165 -38.81 12.00 -20.08
CA PRO D 165 -38.76 12.56 -18.73
C PRO D 165 -38.81 11.45 -17.68
N THR D 166 -39.15 10.24 -18.13
CA THR D 166 -39.26 9.11 -17.24
C THR D 166 -38.10 8.13 -17.31
N HIS D 167 -37.25 8.27 -18.31
CA HIS D 167 -36.11 7.36 -18.39
C HIS D 167 -35.25 7.64 -17.15
N PRO D 168 -34.84 6.56 -16.45
CA PRO D 168 -34.03 6.64 -15.23
C PRO D 168 -32.79 7.54 -15.31
N ILE D 169 -31.96 7.36 -16.32
CA ILE D 169 -30.75 8.17 -16.46
C ILE D 169 -31.06 9.66 -16.60
N ARG D 170 -32.15 9.98 -17.28
CA ARG D 170 -32.53 11.38 -17.44
C ARG D 170 -33.02 11.93 -16.08
N LEU D 171 -33.80 11.13 -15.37
CA LEU D 171 -34.29 11.56 -14.07
C LEU D 171 -33.11 11.76 -13.13
N GLY D 172 -32.23 10.77 -13.10
CA GLY D 172 -31.05 10.83 -12.25
C GLY D 172 -30.19 12.04 -12.59
N LEU D 173 -30.06 12.33 -13.87
CA LEU D 173 -29.30 13.48 -14.30
C LEU D 173 -29.87 14.74 -13.64
N ALA D 174 -31.19 14.86 -13.67
CA ALA D 174 -31.85 16.03 -13.08
C ALA D 174 -31.68 16.12 -11.57
N LEU D 175 -31.64 14.98 -10.91
CA LEU D 175 -31.48 14.97 -9.47
C LEU D 175 -30.14 15.52 -9.01
N ASN D 176 -29.06 14.94 -9.51
CA ASN D 176 -27.74 15.39 -9.11
C ASN D 176 -27.48 16.78 -9.67
N PHE D 177 -27.99 17.03 -10.87
CA PHE D 177 -27.80 18.32 -11.46
C PHE D 177 -28.45 19.34 -10.52
N SER D 178 -29.62 19.02 -9.99
CA SER D 178 -30.30 19.92 -9.05
C SER D 178 -29.57 19.97 -7.71
N VAL D 179 -28.90 18.87 -7.37
CA VAL D 179 -28.14 18.81 -6.13
C VAL D 179 -26.91 19.68 -6.25
N PHE D 180 -26.40 19.80 -7.48
CA PHE D 180 -25.22 20.61 -7.77
C PHE D 180 -25.51 22.10 -7.54
N TYR D 181 -26.62 22.57 -8.11
CA TYR D 181 -27.02 23.95 -7.97
C TYR D 181 -27.26 24.32 -6.52
N TYR D 182 -27.89 23.42 -5.79
CA TYR D 182 -28.19 23.69 -4.39
C TYR D 182 -26.97 23.60 -3.50
N GLU D 183 -26.37 22.41 -3.41
CA GLU D 183 -25.19 22.20 -2.58
C GLU D 183 -23.92 22.93 -3.01
N ILE D 184 -23.63 22.92 -4.32
CA ILE D 184 -22.42 23.55 -4.83
C ILE D 184 -22.55 25.04 -5.19
N LEU D 185 -23.23 25.34 -6.29
CA LEU D 185 -23.40 26.74 -6.69
C LEU D 185 -24.28 27.55 -5.75
N ASN D 186 -24.67 26.93 -4.64
CA ASN D 186 -25.48 27.58 -3.62
C ASN D 186 -26.61 28.46 -4.14
N SER D 187 -27.71 27.84 -4.56
CA SER D 187 -28.87 28.57 -5.06
C SER D 187 -30.05 27.62 -5.22
N PRO D 188 -30.82 27.41 -4.14
CA PRO D 188 -31.97 26.52 -4.21
C PRO D 188 -32.90 26.98 -5.31
N GLU D 189 -32.72 28.22 -5.74
CA GLU D 189 -33.54 28.80 -6.80
C GLU D 189 -33.53 27.86 -8.00
N LYS D 190 -32.46 27.93 -8.77
CA LYS D 190 -32.30 27.13 -9.98
C LYS D 190 -32.31 25.63 -9.67
N ALA D 191 -32.11 25.30 -8.39
CA ALA D 191 -32.08 23.92 -7.92
C ALA D 191 -33.47 23.31 -7.88
N CYS D 192 -34.41 24.01 -7.27
CA CYS D 192 -35.79 23.55 -7.15
C CYS D 192 -36.48 23.53 -8.50
N SER D 193 -36.35 24.64 -9.23
CA SER D 193 -36.95 24.77 -10.55
C SER D 193 -36.56 23.60 -11.45
N LEU D 194 -35.31 23.19 -11.37
CA LEU D 194 -34.81 22.09 -12.18
C LEU D 194 -35.34 20.76 -11.66
N ALA D 195 -35.35 20.60 -10.34
CA ALA D 195 -35.85 19.38 -9.74
C ALA D 195 -37.36 19.26 -9.94
N LYS D 196 -38.09 20.31 -9.60
CA LYS D 196 -39.55 20.31 -9.73
C LYS D 196 -40.02 20.13 -11.18
N THR D 197 -39.29 20.71 -12.13
CA THR D 197 -39.64 20.60 -13.54
C THR D 197 -39.33 19.21 -14.10
N ALA D 198 -38.30 18.57 -13.57
CA ALA D 198 -37.93 17.23 -14.01
C ALA D 198 -38.95 16.25 -13.47
N PHE D 199 -39.59 16.66 -12.38
CA PHE D 199 -40.61 15.85 -11.72
C PHE D 199 -41.96 16.03 -12.42
N ASP D 200 -42.36 17.27 -12.64
CA ASP D 200 -43.63 17.55 -13.30
C ASP D 200 -43.66 16.87 -14.67
N GLU D 201 -42.55 16.96 -15.40
CA GLU D 201 -42.44 16.35 -16.72
C GLU D 201 -42.50 14.83 -16.64
N ALA D 202 -42.19 14.30 -15.47
CA ALA D 202 -42.22 12.87 -15.26
C ALA D 202 -43.68 12.43 -15.21
N ILE D 203 -44.39 12.91 -14.18
CA ILE D 203 -45.79 12.60 -13.99
C ILE D 203 -46.65 12.92 -15.20
N ALA D 204 -46.33 14.03 -15.87
CA ALA D 204 -47.06 14.43 -17.06
C ALA D 204 -47.26 13.22 -17.96
N GLU D 205 -46.19 12.45 -18.17
CA GLU D 205 -46.24 11.27 -19.02
C GLU D 205 -46.22 10.03 -18.15
N LEU D 206 -46.50 10.22 -16.86
CA LEU D 206 -46.49 9.15 -15.88
C LEU D 206 -46.77 7.74 -16.41
N ASP D 207 -47.84 7.56 -17.17
CA ASP D 207 -48.17 6.24 -17.69
C ASP D 207 -47.23 5.75 -18.78
N THR D 208 -46.05 6.36 -18.88
CA THR D 208 -45.05 5.98 -19.88
C THR D 208 -43.98 5.09 -19.24
N LEU D 209 -44.07 4.91 -17.92
CA LEU D 209 -43.12 4.10 -17.17
C LEU D 209 -43.20 2.65 -17.64
N SER D 210 -42.05 2.04 -17.91
CA SER D 210 -41.99 0.64 -18.35
C SER D 210 -41.75 -0.26 -17.15
N GLU D 211 -42.43 -1.41 -17.11
CA GLU D 211 -42.25 -2.35 -16.00
C GLU D 211 -40.77 -2.58 -15.75
N GLU D 212 -39.98 -2.34 -16.79
CA GLU D 212 -38.53 -2.54 -16.72
C GLU D 212 -37.85 -1.50 -15.82
N SER D 213 -38.39 -0.28 -15.79
CA SER D 213 -37.80 0.78 -15.00
C SER D 213 -38.76 1.70 -14.25
N TYR D 214 -39.94 1.19 -13.88
CA TYR D 214 -40.92 2.01 -13.17
C TYR D 214 -40.49 2.20 -11.72
N LYS D 215 -40.00 1.15 -11.09
CA LYS D 215 -39.53 1.24 -9.72
C LYS D 215 -38.34 2.19 -9.73
N ASP D 216 -37.45 2.00 -10.71
CA ASP D 216 -36.27 2.85 -10.84
C ASP D 216 -36.70 4.29 -11.05
N SER D 217 -37.61 4.51 -11.99
CA SER D 217 -38.10 5.84 -12.28
C SER D 217 -38.75 6.40 -11.02
N THR D 218 -39.45 5.53 -10.29
CA THR D 218 -40.15 5.92 -9.07
C THR D 218 -39.19 6.37 -7.97
N LEU D 219 -38.16 5.58 -7.71
CA LEU D 219 -37.19 5.91 -6.67
C LEU D 219 -36.56 7.28 -6.90
N ILE D 220 -36.21 7.58 -8.15
CA ILE D 220 -35.60 8.86 -8.49
C ILE D 220 -36.59 9.99 -8.24
N MET D 221 -37.87 9.73 -8.50
CA MET D 221 -38.91 10.72 -8.30
C MET D 221 -39.15 11.00 -6.81
N GLN D 222 -39.09 9.97 -5.97
CA GLN D 222 -39.29 10.18 -4.55
C GLN D 222 -38.19 11.11 -4.04
N LEU D 223 -36.95 10.77 -4.40
CA LEU D 223 -35.78 11.55 -4.00
C LEU D 223 -35.97 12.99 -4.45
N LEU D 224 -36.31 13.17 -5.72
CA LEU D 224 -36.52 14.49 -6.30
C LEU D 224 -37.51 15.29 -5.45
N ARG D 225 -38.60 14.64 -5.05
CA ARG D 225 -39.62 15.28 -4.22
C ARG D 225 -39.12 15.53 -2.80
N ASP D 226 -38.50 14.51 -2.21
CA ASP D 226 -37.98 14.64 -0.86
C ASP D 226 -36.96 15.78 -0.79
N ASN D 227 -35.97 15.75 -1.68
CA ASN D 227 -34.95 16.80 -1.72
C ASN D 227 -35.62 18.13 -1.90
N LEU D 228 -36.52 18.19 -2.89
CA LEU D 228 -37.26 19.40 -3.20
C LEU D 228 -38.03 19.84 -1.96
N THR D 229 -38.67 18.88 -1.30
CA THR D 229 -39.42 19.17 -0.09
C THR D 229 -38.50 19.90 0.88
N LEU D 230 -37.37 19.27 1.20
CA LEU D 230 -36.41 19.85 2.13
C LEU D 230 -35.92 21.23 1.68
N TRP D 231 -35.95 21.49 0.38
CA TRP D 231 -35.50 22.78 -0.13
C TRP D 231 -36.66 23.78 -0.04
N THR D 232 -37.83 23.29 0.36
CA THR D 232 -39.02 24.11 0.50
C THR D 232 -39.11 24.75 1.89
N SER D 233 -38.05 24.53 2.69
CA SER D 233 -37.99 25.08 4.04
C SER D 233 -36.57 25.52 4.38
#